data_8JC4
#
_entry.id   8JC4
#
_cell.length_a   58.839
_cell.length_b   148.287
_cell.length_c   64.925
_cell.angle_alpha   90.00
_cell.angle_beta   100.38
_cell.angle_gamma   90.00
#
_symmetry.space_group_name_H-M   'P 1 21 1'
#
loop_
_entity.id
_entity.type
_entity.pdbx_description
1 polymer 'Bifunctional cytochrome P450/NADPH--P450 reductase'
2 non-polymer HYDROXYAMINE
3 non-polymer 'PROTOPORPHYRIN IX CONTAINING FE'
4 non-polymer '1-pyridin-4-ylpiperidine-4-carboxylic acid'
5 non-polymer PHENYLALANINE
6 water water
#
_entity_poly.entity_id   1
_entity_poly.type   'polypeptide(L)'
_entity_poly.pdbx_seq_one_letter_code
;GMTIKEMPQPKTFGELKNLPLLNTDKPVQALMKIADELGEIFKFEAPGRVTRYLSSQRLIKEACDESRFDKNLSQALKFV
RDFAGDGLATSWTHEKNWKKAHNILLPSFSQQAMKGYHAMMVDIAVQLVQKWERLNADEHIEVPEDMTRLTLDTIGLCGF
NYRFNSFYRDQPHPFITSMVRALDEAMNKLQRANPDDPAYDENKRQFQEDIKVMNDLVDKIIADRKASGEQSDDLLTHML
NGKDPETGEPLDDENIRYQIITFLIAGHEVTSGLLSFALYFLVKNPHVLQKAAEEAARVLVDPVPSYKQVKQLKYVGMVL
NEALRLWPTAPAFSLYAKEDTVLGGEYPLEKGDELMVLIPQLHRDKTIWGDDVEEFRPERFENPSAIPQHAFKPFGNGQR
ACIGQQFALHEATLVLGMMLKHFDFEDHTNYELDIKETLTLKPEGFVVKAKSKKIPLLEHHHHHH
;
_entity_poly.pdbx_strand_id   A,B
#
# COMPACT_ATOMS: atom_id res chain seq x y z
N LYS A 5 -4.94 -35.01 1.41
CA LYS A 5 -4.91 -34.71 2.84
C LYS A 5 -3.63 -35.24 3.48
N GLU A 6 -3.14 -36.37 2.98
CA GLU A 6 -1.91 -36.96 3.46
C GLU A 6 -0.72 -36.28 2.77
N MET A 7 0.15 -35.67 3.55
CA MET A 7 1.22 -34.86 2.98
C MET A 7 2.41 -35.73 2.59
N PRO A 8 2.91 -35.62 1.37
CA PRO A 8 4.08 -36.42 0.97
C PRO A 8 5.34 -36.00 1.72
N GLN A 9 6.38 -36.81 1.56
CA GLN A 9 7.66 -36.56 2.21
C GLN A 9 8.75 -37.26 1.44
N PRO A 10 9.91 -36.62 1.21
CA PRO A 10 11.00 -37.27 0.47
C PRO A 10 11.65 -38.41 1.25
N LYS A 11 12.69 -39.01 0.67
CA LYS A 11 13.35 -40.14 1.29
C LYS A 11 13.95 -39.75 2.64
N THR A 12 13.97 -40.72 3.55
CA THR A 12 14.47 -40.54 4.91
C THR A 12 15.75 -41.34 5.11
N PHE A 13 16.46 -41.01 6.19
CA PHE A 13 17.76 -41.60 6.49
C PHE A 13 17.79 -42.13 7.92
N GLY A 14 16.71 -42.80 8.33
CA GLY A 14 16.66 -43.35 9.68
C GLY A 14 16.43 -42.27 10.70
N GLU A 15 17.29 -42.22 11.72
CA GLU A 15 17.10 -41.27 12.82
C GLU A 15 17.34 -39.83 12.39
N LEU A 16 18.02 -39.61 11.27
CA LEU A 16 18.25 -38.27 10.76
C LEU A 16 17.11 -37.74 9.90
N LYS A 17 16.17 -38.60 9.53
CA LYS A 17 14.99 -38.23 8.72
C LYS A 17 15.47 -37.66 7.40
N ASN A 18 15.09 -36.44 7.02
CA ASN A 18 15.44 -35.86 5.73
C ASN A 18 16.68 -34.98 5.77
N LEU A 19 17.35 -34.88 6.92
CA LEU A 19 18.46 -33.94 7.05
C LEU A 19 19.60 -34.22 6.06
N PRO A 20 20.06 -35.46 5.83
CA PRO A 20 21.14 -35.66 4.85
C PRO A 20 20.83 -35.14 3.46
N LEU A 21 19.55 -34.95 3.10
CA LEU A 21 19.23 -34.36 1.81
C LEU A 21 19.76 -32.94 1.70
N LEU A 22 19.86 -32.23 2.82
CA LEU A 22 20.43 -30.89 2.83
C LEU A 22 21.95 -30.88 2.83
N ASN A 23 22.59 -32.02 3.10
CA ASN A 23 24.05 -32.12 3.05
C ASN A 23 24.48 -32.12 1.58
N THR A 24 24.45 -30.92 0.99
CA THR A 24 24.78 -30.73 -0.41
C THR A 24 25.13 -29.26 -0.62
N ASP A 25 25.90 -29.00 -1.68
CA ASP A 25 26.32 -27.64 -1.97
C ASP A 25 25.26 -26.85 -2.73
N LYS A 26 24.12 -27.47 -3.07
CA LYS A 26 23.02 -26.78 -3.74
C LYS A 26 21.69 -27.25 -3.15
N PRO A 27 21.39 -26.83 -1.91
CA PRO A 27 20.16 -27.33 -1.27
C PRO A 27 18.89 -26.72 -1.85
N VAL A 28 18.92 -25.44 -2.22
CA VAL A 28 17.72 -24.81 -2.79
C VAL A 28 17.34 -25.50 -4.09
N GLN A 29 18.33 -25.71 -4.97
CA GLN A 29 18.07 -26.45 -6.20
C GLN A 29 17.65 -27.89 -5.92
N ALA A 30 18.18 -28.48 -4.84
CA ALA A 30 17.76 -29.82 -4.46
C ALA A 30 16.32 -29.81 -3.95
N LEU A 31 15.95 -28.80 -3.18
CA LEU A 31 14.58 -28.69 -2.70
C LEU A 31 13.62 -28.37 -3.86
N MET A 32 14.11 -27.70 -4.90
CA MET A 32 13.29 -27.47 -6.09
C MET A 32 13.01 -28.78 -6.82
N LYS A 33 14.01 -29.66 -6.91
CA LYS A 33 13.82 -30.93 -7.58
C LYS A 33 12.86 -31.82 -6.79
N ILE A 34 12.90 -31.77 -5.46
CA ILE A 34 11.96 -32.54 -4.65
C ILE A 34 10.54 -32.04 -4.89
N ALA A 35 10.37 -30.73 -5.07
CA ALA A 35 9.05 -30.18 -5.33
C ALA A 35 8.49 -30.66 -6.67
N ASP A 36 9.36 -30.79 -7.68
CA ASP A 36 8.91 -31.28 -8.97
C ASP A 36 8.41 -32.72 -8.89
N GLU A 37 9.00 -33.52 -7.99
CA GLU A 37 8.57 -34.91 -7.83
C GLU A 37 7.37 -35.03 -6.91
N LEU A 38 7.32 -34.23 -5.84
CA LEU A 38 6.30 -34.38 -4.82
C LEU A 38 5.13 -33.41 -4.97
N GLY A 39 5.31 -32.30 -5.67
CA GLY A 39 4.20 -31.40 -5.95
C GLY A 39 4.20 -30.12 -5.14
N GLU A 40 3.01 -29.63 -4.80
CA GLU A 40 2.86 -28.30 -4.22
C GLU A 40 3.23 -28.23 -2.74
N ILE A 41 3.27 -29.37 -2.04
CA ILE A 41 3.59 -29.37 -0.63
C ILE A 41 4.20 -30.72 -0.27
N PHE A 42 5.21 -30.69 0.60
CA PHE A 42 5.77 -31.90 1.16
C PHE A 42 6.34 -31.60 2.54
N LYS A 43 6.25 -32.58 3.43
CA LYS A 43 6.79 -32.43 4.77
C LYS A 43 8.30 -32.68 4.76
N PHE A 44 9.03 -31.85 5.49
CA PHE A 44 10.46 -32.01 5.67
C PHE A 44 10.75 -32.12 7.15
N GLU A 45 11.40 -33.20 7.54
CA GLU A 45 11.62 -33.50 8.95
C GLU A 45 13.11 -33.57 9.25
N ALA A 46 13.48 -33.06 10.42
CA ALA A 46 14.82 -33.13 10.96
C ALA A 46 14.73 -33.46 12.43
N PRO A 47 15.82 -33.91 13.06
CA PRO A 47 15.79 -34.12 14.51
C PRO A 47 15.51 -32.82 15.26
N GLY A 48 14.32 -32.72 15.85
CA GLY A 48 13.92 -31.54 16.59
C GLY A 48 13.18 -30.48 15.79
N ARG A 49 13.01 -30.69 14.49
CA ARG A 49 12.39 -29.69 13.64
C ARG A 49 11.59 -30.35 12.53
N VAL A 50 10.44 -29.78 12.20
CA VAL A 50 9.64 -30.19 11.05
C VAL A 50 9.07 -28.94 10.39
N THR A 51 9.11 -28.90 9.06
CA THR A 51 8.55 -27.80 8.30
C THR A 51 7.95 -28.35 7.01
N ARG A 52 7.10 -27.54 6.39
CA ARG A 52 6.40 -27.91 5.16
C ARG A 52 6.72 -26.90 4.09
N TYR A 53 7.25 -27.38 2.97
CA TYR A 53 7.69 -26.52 1.87
C TYR A 53 6.54 -26.34 0.88
N LEU A 54 6.09 -25.09 0.74
CA LEU A 54 5.01 -24.76 -0.18
C LEU A 54 5.59 -24.33 -1.51
N SER A 55 4.93 -24.74 -2.60
CA SER A 55 5.44 -24.49 -3.95
C SER A 55 4.40 -23.94 -4.92
N SER A 56 3.13 -23.92 -4.56
CA SER A 56 2.08 -23.47 -5.46
C SER A 56 1.47 -22.16 -4.98
N GLN A 57 1.04 -21.34 -5.94
CA GLN A 57 0.32 -20.11 -5.61
C GLN A 57 -0.98 -20.41 -4.88
N ARG A 58 -1.57 -21.57 -5.13
CA ARG A 58 -2.82 -21.95 -4.47
C ARG A 58 -2.68 -21.95 -2.95
N LEU A 59 -1.59 -22.52 -2.44
CA LEU A 59 -1.39 -22.60 -1.00
C LEU A 59 -0.64 -21.41 -0.43
N ILE A 60 0.26 -20.80 -1.22
CA ILE A 60 1.06 -19.69 -0.70
C ILE A 60 0.22 -18.43 -0.53
N LYS A 61 -0.80 -18.24 -1.38
CA LYS A 61 -1.70 -17.10 -1.19
C LYS A 61 -2.43 -17.19 0.15
N GLU A 62 -2.61 -18.41 0.67
CA GLU A 62 -3.17 -18.57 2.02
C GLU A 62 -2.11 -18.33 3.07
N ALA A 63 -0.88 -18.83 2.85
CA ALA A 63 0.20 -18.61 3.80
C ALA A 63 0.52 -17.13 3.96
N CYS A 64 0.23 -16.32 2.95
CA CYS A 64 0.47 -14.90 3.01
C CYS A 64 -0.61 -14.14 3.78
N ASP A 65 -1.62 -14.84 4.31
CA ASP A 65 -2.61 -14.22 5.17
C ASP A 65 -1.97 -13.88 6.51
N GLU A 66 -1.75 -12.59 6.77
CA GLU A 66 -1.07 -12.18 7.99
C GLU A 66 -1.93 -12.39 9.22
N SER A 67 -3.26 -12.44 9.09
CA SER A 67 -4.12 -12.74 10.22
C SER A 67 -4.02 -14.20 10.64
N ARG A 68 -3.47 -15.06 9.78
CA ARG A 68 -3.31 -16.48 10.07
C ARG A 68 -1.87 -16.93 10.16
N PHE A 69 -0.94 -16.24 9.51
CA PHE A 69 0.46 -16.64 9.50
C PHE A 69 1.33 -15.41 9.72
N ASP A 70 2.42 -15.60 10.45
CA ASP A 70 3.38 -14.54 10.75
C ASP A 70 4.76 -15.02 10.33
N LYS A 71 5.68 -14.08 10.14
CA LYS A 71 7.04 -14.44 9.77
C LYS A 71 7.68 -15.30 10.86
N ASN A 72 8.24 -16.43 10.46
CA ASN A 72 9.00 -17.28 11.36
C ASN A 72 10.49 -17.14 11.04
N LEU A 73 11.32 -17.25 12.08
CA LEU A 73 12.76 -17.28 11.89
C LEU A 73 13.16 -18.70 11.53
N SER A 74 13.50 -18.92 10.25
CA SER A 74 14.00 -20.20 9.83
C SER A 74 15.29 -20.56 10.58
N GLN A 75 15.66 -21.83 10.50
CA GLN A 75 16.88 -22.27 11.17
C GLN A 75 18.10 -21.54 10.63
N ALA A 76 18.06 -21.15 9.35
CA ALA A 76 19.13 -20.32 8.80
C ALA A 76 19.12 -18.93 9.41
N LEU A 77 17.94 -18.33 9.56
CA LEU A 77 17.86 -16.99 10.14
C LEU A 77 18.20 -17.00 11.62
N LYS A 78 17.96 -18.11 12.31
CA LYS A 78 18.40 -18.23 13.69
C LYS A 78 19.92 -18.20 13.79
N PHE A 79 20.60 -18.80 12.82
CA PHE A 79 22.06 -18.78 12.82
C PHE A 79 22.62 -17.43 12.41
N VAL A 80 21.94 -16.73 11.51
CA VAL A 80 22.37 -15.38 11.14
C VAL A 80 22.13 -14.40 12.28
N ARG A 81 21.11 -14.66 13.10
CA ARG A 81 20.79 -13.78 14.23
C ARG A 81 21.94 -13.64 15.22
N ASP A 82 22.86 -14.62 15.26
CA ASP A 82 23.98 -14.53 16.20
C ASP A 82 24.91 -13.36 15.89
N PHE A 83 24.83 -12.79 14.70
CA PHE A 83 25.55 -11.57 14.38
C PHE A 83 24.67 -10.48 13.77
N ALA A 84 23.51 -10.82 13.23
CA ALA A 84 22.54 -9.81 12.80
C ALA A 84 21.66 -9.33 13.94
N GLY A 85 21.69 -10.01 15.08
CA GLY A 85 20.97 -9.63 16.28
C GLY A 85 19.48 -9.49 16.04
N ASP A 86 18.86 -8.56 16.78
CA ASP A 86 17.46 -8.22 16.58
C ASP A 86 17.28 -7.17 15.50
N GLY A 87 18.10 -7.21 14.46
CA GLY A 87 17.88 -6.38 13.29
C GLY A 87 16.55 -6.70 12.62
N LEU A 88 16.22 -5.88 11.63
CA LEU A 88 14.91 -5.96 10.99
C LEU A 88 14.66 -7.35 10.41
N ALA A 89 15.70 -7.99 9.88
CA ALA A 89 15.53 -9.25 9.16
C ALA A 89 15.53 -10.47 10.07
N THR A 90 16.18 -10.41 11.23
CA THR A 90 16.30 -11.57 12.10
C THR A 90 15.58 -11.39 13.44
N SER A 91 14.60 -10.51 13.50
CA SER A 91 13.80 -10.31 14.69
C SER A 91 12.38 -10.80 14.46
N TRP A 92 11.74 -11.24 15.54
CA TRP A 92 10.34 -11.66 15.47
C TRP A 92 9.44 -10.44 15.42
N THR A 93 8.24 -10.63 14.85
CA THR A 93 7.30 -9.52 14.72
C THR A 93 6.89 -8.96 16.07
N HIS A 94 6.82 -9.81 17.10
CA HIS A 94 6.40 -9.39 18.42
C HIS A 94 7.51 -8.73 19.24
N GLU A 95 8.76 -8.81 18.80
CA GLU A 95 9.83 -8.12 19.50
C GLU A 95 9.67 -6.61 19.33
N LYS A 96 9.82 -5.88 20.44
CA LYS A 96 9.56 -4.44 20.43
C LYS A 96 10.48 -3.71 19.46
N ASN A 97 11.70 -4.20 19.26
CA ASN A 97 12.67 -3.49 18.43
C ASN A 97 12.38 -3.60 16.94
N TRP A 98 11.59 -4.58 16.51
CA TRP A 98 11.25 -4.65 15.08
C TRP A 98 10.36 -3.48 14.68
N LYS A 99 9.15 -3.41 15.26
CA LYS A 99 8.23 -2.33 14.94
C LYS A 99 8.84 -0.96 15.21
N LYS A 100 9.67 -0.86 16.25
CA LYS A 100 10.36 0.39 16.53
C LYS A 100 11.29 0.78 15.38
N ALA A 101 12.18 -0.14 14.97
CA ALA A 101 13.09 0.13 13.87
C ALA A 101 12.33 0.20 12.54
N HIS A 102 11.24 -0.56 12.41
CA HIS A 102 10.44 -0.49 11.19
C HIS A 102 9.85 0.89 10.99
N ASN A 103 9.34 1.50 12.06
CA ASN A 103 8.75 2.84 11.96
C ASN A 103 9.82 3.88 11.68
N ILE A 104 11.02 3.72 12.23
CA ILE A 104 12.07 4.72 12.05
C ILE A 104 12.68 4.66 10.65
N LEU A 105 12.73 3.47 10.05
CA LEU A 105 13.46 3.26 8.81
C LEU A 105 12.57 3.24 7.57
N LEU A 106 11.25 3.29 7.73
CA LEU A 106 10.37 3.30 6.57
C LEU A 106 10.54 4.54 5.69
N PRO A 107 10.55 5.77 6.21
CA PRO A 107 10.73 6.92 5.30
C PRO A 107 12.07 6.95 4.59
N SER A 108 13.14 6.43 5.21
CA SER A 108 14.45 6.46 4.55
C SER A 108 14.57 5.44 3.43
N PHE A 109 13.58 4.55 3.26
CA PHE A 109 13.59 3.56 2.19
C PHE A 109 12.47 3.79 1.20
N SER A 110 11.80 4.94 1.26
CA SER A 110 10.69 5.22 0.36
C SER A 110 11.20 5.47 -1.06
N GLN A 111 10.26 5.45 -2.01
CA GLN A 111 10.62 5.77 -3.39
C GLN A 111 11.01 7.24 -3.53
N GLN A 112 10.43 8.11 -2.71
CA GLN A 112 10.81 9.52 -2.73
C GLN A 112 12.16 9.76 -2.05
N ALA A 113 12.60 8.85 -1.19
CA ALA A 113 13.92 8.95 -0.57
C ALA A 113 15.01 8.48 -1.51
N MET A 114 14.67 7.73 -2.56
CA MET A 114 15.65 7.34 -3.56
C MET A 114 16.20 8.55 -4.34
N LYS A 115 15.47 9.67 -4.33
CA LYS A 115 15.97 10.89 -4.96
C LYS A 115 17.24 11.36 -4.26
N GLY A 116 17.31 11.19 -2.94
CA GLY A 116 18.50 11.60 -2.21
C GLY A 116 19.66 10.64 -2.36
N TYR A 117 19.38 9.35 -2.58
CA TYR A 117 20.42 8.36 -2.79
C TYR A 117 20.92 8.31 -4.23
N HIS A 118 20.22 8.96 -5.16
CA HIS A 118 20.51 8.78 -6.58
C HIS A 118 21.93 9.20 -6.93
N ALA A 119 22.37 10.36 -6.42
CA ALA A 119 23.69 10.86 -6.78
C ALA A 119 24.80 9.91 -6.32
N MET A 120 24.63 9.32 -5.13
CA MET A 120 25.63 8.38 -4.64
C MET A 120 25.57 7.05 -5.38
N MET A 121 24.40 6.66 -5.87
CA MET A 121 24.30 5.48 -6.71
C MET A 121 24.98 5.70 -8.05
N VAL A 122 24.81 6.89 -8.64
CA VAL A 122 25.48 7.19 -9.90
C VAL A 122 27.00 7.23 -9.71
N ASP A 123 27.47 7.64 -8.53
CA ASP A 123 28.90 7.65 -8.25
C ASP A 123 29.50 6.26 -8.44
N ILE A 124 28.90 5.25 -7.81
CA ILE A 124 29.44 3.90 -7.93
C ILE A 124 29.16 3.33 -9.32
N ALA A 125 28.02 3.68 -9.91
CA ALA A 125 27.70 3.18 -11.25
C ALA A 125 28.66 3.71 -12.29
N VAL A 126 29.12 4.96 -12.14
CA VAL A 126 30.10 5.51 -13.06
C VAL A 126 31.45 4.79 -12.92
N GLN A 127 31.84 4.46 -11.69
CA GLN A 127 33.09 3.74 -11.48
C GLN A 127 33.06 2.37 -12.16
N LEU A 128 31.89 1.73 -12.18
CA LEU A 128 31.76 0.45 -12.88
C LEU A 128 31.91 0.63 -14.38
N VAL A 129 31.26 1.66 -14.93
CA VAL A 129 31.33 1.90 -16.38
C VAL A 129 32.75 2.29 -16.78
N GLN A 130 33.45 3.02 -15.93
CA GLN A 130 34.81 3.44 -16.26
C GLN A 130 35.79 2.27 -16.17
N LYS A 131 35.58 1.35 -15.22
CA LYS A 131 36.41 0.16 -15.18
C LYS A 131 36.25 -0.66 -16.46
N TRP A 132 35.02 -0.78 -16.95
CA TRP A 132 34.78 -1.64 -18.10
C TRP A 132 35.30 -1.01 -19.40
N GLU A 133 35.23 0.31 -19.53
CA GLU A 133 35.81 0.94 -20.71
C GLU A 133 37.33 1.07 -20.63
N ARG A 134 37.93 0.82 -19.48
CA ARG A 134 39.38 0.82 -19.34
C ARG A 134 39.98 -0.57 -19.46
N LEU A 135 39.17 -1.56 -19.82
CA LEU A 135 39.69 -2.89 -20.10
C LEU A 135 40.42 -2.89 -21.44
N ASN A 136 41.39 -3.79 -21.57
CA ASN A 136 42.08 -3.97 -22.83
C ASN A 136 41.33 -4.94 -23.74
N ALA A 137 41.75 -5.01 -24.99
CA ALA A 137 41.15 -5.93 -25.94
C ALA A 137 41.30 -7.37 -25.46
N ASP A 138 40.28 -8.18 -25.72
CA ASP A 138 40.18 -9.60 -25.39
C ASP A 138 40.10 -9.86 -23.89
N GLU A 139 40.12 -8.82 -23.04
CA GLU A 139 39.87 -9.00 -21.62
C GLU A 139 38.37 -9.17 -21.37
N HIS A 140 38.03 -9.99 -20.37
CA HIS A 140 36.65 -10.27 -20.05
C HIS A 140 36.31 -9.73 -18.67
N ILE A 141 35.02 -9.72 -18.37
CA ILE A 141 34.48 -9.22 -17.10
C ILE A 141 34.03 -10.41 -16.26
N GLU A 142 34.41 -10.41 -14.98
CA GLU A 142 33.88 -11.37 -14.02
C GLU A 142 32.60 -10.76 -13.45
N VAL A 143 31.46 -11.16 -14.00
CA VAL A 143 30.19 -10.46 -13.79
C VAL A 143 29.77 -10.45 -12.33
N PRO A 144 29.59 -11.60 -11.64
CA PRO A 144 29.14 -11.51 -10.24
C PRO A 144 30.10 -10.78 -9.33
N GLU A 145 31.41 -10.89 -9.59
CA GLU A 145 32.38 -10.19 -8.76
C GLU A 145 32.28 -8.68 -8.95
N ASP A 146 32.06 -8.22 -10.18
CA ASP A 146 31.94 -6.78 -10.42
C ASP A 146 30.60 -6.24 -9.94
N MET A 147 29.53 -7.03 -10.05
CA MET A 147 28.24 -6.59 -9.52
C MET A 147 28.27 -6.52 -7.99
N THR A 148 29.04 -7.39 -7.35
CA THR A 148 29.17 -7.33 -5.90
C THR A 148 29.96 -6.10 -5.47
N ARG A 149 30.99 -5.74 -6.23
CA ARG A 149 31.72 -4.51 -5.94
C ARG A 149 30.80 -3.29 -6.01
N LEU A 150 29.89 -3.27 -6.97
CA LEU A 150 29.01 -2.12 -7.14
C LEU A 150 27.97 -2.04 -6.02
N THR A 151 27.31 -3.17 -5.73
CA THR A 151 26.25 -3.16 -4.73
C THR A 151 26.81 -2.92 -3.33
N LEU A 152 27.98 -3.48 -3.02
CA LEU A 152 28.58 -3.27 -1.71
C LEU A 152 29.00 -1.81 -1.52
N ASP A 153 29.62 -1.21 -2.55
CA ASP A 153 29.97 0.20 -2.45
C ASP A 153 28.74 1.08 -2.41
N THR A 154 27.66 0.67 -3.08
CA THR A 154 26.45 1.49 -3.11
C THR A 154 25.81 1.57 -1.73
N ILE A 155 25.64 0.43 -1.05
CA ILE A 155 25.00 0.45 0.26
C ILE A 155 25.92 1.07 1.31
N GLY A 156 27.23 0.91 1.16
CA GLY A 156 28.15 1.57 2.08
C GLY A 156 28.13 3.08 1.94
N LEU A 157 28.13 3.57 0.70
CA LEU A 157 28.13 5.00 0.46
C LEU A 157 26.77 5.61 0.78
N CYS A 158 25.68 4.92 0.39
CA CYS A 158 24.35 5.44 0.64
C CYS A 158 23.89 5.23 2.08
N GLY A 159 24.39 4.19 2.74
CA GLY A 159 23.92 3.88 4.08
C GLY A 159 24.72 4.51 5.20
N PHE A 160 26.03 4.65 5.02
CA PHE A 160 26.88 5.16 6.08
C PHE A 160 27.91 6.18 5.58
N ASN A 161 27.81 6.61 4.33
CA ASN A 161 28.78 7.54 3.73
C ASN A 161 30.20 7.01 3.87
N TYR A 162 30.35 5.69 3.81
CA TYR A 162 31.64 5.02 3.89
C TYR A 162 31.95 4.39 2.55
N ARG A 163 33.20 4.51 2.12
CA ARG A 163 33.63 4.05 0.80
C ARG A 163 34.49 2.81 0.96
N PHE A 164 33.93 1.64 0.65
CA PHE A 164 34.72 0.42 0.63
C PHE A 164 35.76 0.44 -0.50
N ASN A 165 35.52 1.24 -1.54
CA ASN A 165 36.43 1.35 -2.68
C ASN A 165 36.76 -0.03 -3.26
N SER A 166 35.71 -0.79 -3.54
CA SER A 166 35.89 -2.16 -3.99
C SER A 166 36.57 -2.23 -5.35
N PHE A 167 36.39 -1.21 -6.20
CA PHE A 167 37.02 -1.19 -7.50
C PHE A 167 38.51 -0.88 -7.43
N TYR A 168 39.04 -0.56 -6.25
CA TYR A 168 40.47 -0.36 -6.05
C TYR A 168 41.14 -1.57 -5.42
N ARG A 169 40.43 -2.70 -5.32
CA ARG A 169 40.89 -3.86 -4.58
C ARG A 169 40.79 -5.12 -5.44
N ASP A 170 41.62 -6.10 -5.11
CA ASP A 170 41.44 -7.48 -5.56
C ASP A 170 40.95 -8.39 -4.43
N GLN A 171 41.42 -8.16 -3.20
CA GLN A 171 40.94 -8.82 -1.99
C GLN A 171 39.88 -7.98 -1.32
N PRO A 172 38.74 -8.56 -0.94
CA PRO A 172 37.63 -7.76 -0.41
C PRO A 172 37.92 -7.14 0.96
N HIS A 173 36.97 -6.35 1.45
CA HIS A 173 37.16 -5.63 2.70
C HIS A 173 37.29 -6.61 3.87
N PRO A 174 38.10 -6.27 4.88
CA PRO A 174 38.22 -7.15 6.06
C PRO A 174 36.90 -7.36 6.80
N PHE A 175 35.95 -6.42 6.70
CA PHE A 175 34.66 -6.61 7.36
C PHE A 175 33.90 -7.76 6.72
N ILE A 176 33.77 -7.75 5.40
CA ILE A 176 32.98 -8.78 4.73
C ILE A 176 33.74 -10.10 4.65
N THR A 177 35.06 -10.08 4.83
CA THR A 177 35.80 -11.34 5.00
C THR A 177 35.25 -12.12 6.19
N SER A 178 35.04 -11.43 7.32
CA SER A 178 34.38 -12.06 8.45
C SER A 178 32.91 -12.31 8.19
N MET A 179 32.26 -11.42 7.42
CA MET A 179 30.83 -11.53 7.20
C MET A 179 30.51 -12.71 6.28
N VAL A 180 31.19 -12.80 5.13
CA VAL A 180 30.96 -13.92 4.23
C VAL A 180 31.36 -15.23 4.89
N ARG A 181 32.39 -15.22 5.73
CA ARG A 181 32.78 -16.44 6.43
C ARG A 181 31.76 -16.80 7.50
N ALA A 182 31.16 -15.81 8.16
CA ALA A 182 30.11 -16.08 9.13
C ALA A 182 28.86 -16.62 8.46
N LEU A 183 28.54 -16.14 7.25
CA LEU A 183 27.42 -16.70 6.49
C LEU A 183 27.72 -18.13 6.06
N ASP A 184 28.97 -18.43 5.72
CA ASP A 184 29.32 -19.80 5.35
C ASP A 184 29.11 -20.74 6.53
N GLU A 185 29.61 -20.37 7.70
CA GLU A 185 29.42 -21.18 8.90
C GLU A 185 27.95 -21.31 9.25
N ALA A 186 27.18 -20.22 9.11
CA ALA A 186 25.76 -20.26 9.45
C ALA A 186 25.00 -21.23 8.55
N MET A 187 25.34 -21.26 7.26
CA MET A 187 24.69 -22.19 6.35
C MET A 187 25.15 -23.63 6.60
N ASN A 188 26.43 -23.82 6.91
CA ASN A 188 26.94 -25.17 7.11
C ASN A 188 26.49 -25.78 8.43
N LYS A 189 26.04 -24.97 9.39
CA LYS A 189 25.44 -25.52 10.60
C LYS A 189 24.08 -26.14 10.31
N LEU A 190 23.45 -25.76 9.20
CA LEU A 190 22.10 -26.23 8.90
C LEU A 190 22.07 -27.74 8.66
N GLN A 191 23.07 -28.26 7.96
CA GLN A 191 23.11 -29.69 7.67
C GLN A 191 24.32 -30.35 8.31
N ARG A 192 24.55 -30.07 9.59
CA ARG A 192 25.64 -30.70 10.32
C ARG A 192 25.12 -31.45 11.55
N PRO A 198 33.79 -30.77 19.31
CA PRO A 198 35.24 -30.86 19.04
C PRO A 198 35.57 -30.93 17.56
N ALA A 199 34.75 -31.63 16.77
CA ALA A 199 35.01 -31.71 15.34
C ALA A 199 34.89 -30.35 14.68
N TYR A 200 33.87 -29.58 15.06
CA TYR A 200 33.65 -28.24 14.54
C TYR A 200 34.12 -27.17 15.53
N ASP A 201 35.01 -27.53 16.46
CA ASP A 201 35.43 -26.60 17.49
C ASP A 201 36.11 -25.36 16.91
N GLU A 202 36.94 -25.55 15.88
CA GLU A 202 37.63 -24.42 15.27
C GLU A 202 36.63 -23.43 14.66
N ASN A 203 35.56 -23.94 14.05
CA ASN A 203 34.53 -23.08 13.47
C ASN A 203 33.98 -22.09 14.49
N LYS A 204 33.70 -22.57 15.70
CA LYS A 204 33.14 -21.68 16.72
C LYS A 204 34.15 -20.64 17.16
N ARG A 205 35.42 -21.02 17.28
CA ARG A 205 36.46 -20.05 17.62
C ARG A 205 36.59 -18.98 16.53
N GLN A 206 36.54 -19.39 15.26
CA GLN A 206 36.58 -18.42 14.17
C GLN A 206 35.27 -17.65 14.08
N PHE A 207 34.14 -18.28 14.44
CA PHE A 207 32.85 -17.62 14.34
C PHE A 207 32.78 -16.42 15.28
N GLN A 208 33.20 -16.62 16.54
CA GLN A 208 33.21 -15.50 17.48
C GLN A 208 34.27 -14.46 17.09
N GLU A 209 35.35 -14.90 16.45
CA GLU A 209 36.33 -13.95 15.92
C GLU A 209 35.77 -13.16 14.74
N ASP A 210 34.90 -13.78 13.94
CA ASP A 210 34.28 -13.06 12.83
C ASP A 210 33.22 -12.08 13.32
N ILE A 211 32.49 -12.45 14.37
CA ILE A 211 31.48 -11.55 14.94
C ILE A 211 32.15 -10.33 15.57
N LYS A 212 33.26 -10.55 16.30
CA LYS A 212 33.95 -9.45 16.96
C LYS A 212 34.53 -8.47 15.94
N VAL A 213 34.97 -8.96 14.79
CA VAL A 213 35.47 -8.06 13.75
C VAL A 213 34.34 -7.19 13.20
N MET A 214 33.17 -7.77 13.00
CA MET A 214 32.05 -7.00 12.48
C MET A 214 31.50 -6.03 13.51
N ASN A 215 31.37 -6.47 14.77
CA ASN A 215 30.81 -5.60 15.80
C ASN A 215 31.73 -4.42 16.09
N ASP A 216 33.04 -4.68 16.18
CA ASP A 216 33.98 -3.60 16.52
C ASP A 216 34.08 -2.57 15.41
N LEU A 217 34.08 -3.02 14.14
CA LEU A 217 34.16 -2.10 13.02
C LEU A 217 32.92 -1.22 12.94
N VAL A 218 31.74 -1.83 12.99
CA VAL A 218 30.49 -1.07 12.88
C VAL A 218 30.35 -0.11 14.04
N ASP A 219 30.65 -0.56 15.26
CA ASP A 219 30.53 0.31 16.42
C ASP A 219 31.50 1.48 16.36
N LYS A 220 32.65 1.31 15.69
CA LYS A 220 33.58 2.41 15.52
C LYS A 220 33.00 3.46 14.57
N ILE A 221 32.32 3.03 13.50
CA ILE A 221 31.71 3.97 12.58
C ILE A 221 30.58 4.72 13.25
N ILE A 222 29.79 4.04 14.08
CA ILE A 222 28.71 4.69 14.81
C ILE A 222 29.28 5.73 15.76
N ALA A 223 30.34 5.37 16.50
CA ALA A 223 30.95 6.31 17.43
C ALA A 223 31.69 7.43 16.70
N ASP A 224 32.25 7.15 15.52
CA ASP A 224 32.92 8.19 14.75
C ASP A 224 31.92 9.23 14.26
N ARG A 225 30.79 8.77 13.70
CA ARG A 225 29.76 9.68 13.23
C ARG A 225 29.26 10.58 14.36
N LYS A 226 29.00 9.99 15.52
CA LYS A 226 28.56 10.75 16.68
C LYS A 226 29.73 11.55 17.29
N SER A 228 31.72 13.63 15.78
CA SER A 228 31.83 14.67 14.75
C SER A 228 30.57 15.53 14.71
N GLY A 229 29.44 14.93 15.07
CA GLY A 229 28.17 15.60 14.93
C GLY A 229 27.73 15.80 13.49
N GLU A 230 28.46 15.24 12.53
CA GLU A 230 28.16 15.46 11.13
C GLU A 230 26.86 14.78 10.74
N GLN A 231 26.08 15.45 9.89
CA GLN A 231 24.85 14.90 9.35
C GLN A 231 25.07 14.55 7.88
N SER A 232 24.15 13.78 7.32
CA SER A 232 24.26 13.35 5.93
C SER A 232 22.90 12.87 5.46
N ASP A 233 22.85 12.43 4.19
CA ASP A 233 21.64 11.84 3.67
C ASP A 233 21.84 10.34 3.54
N ASP A 234 22.20 9.70 4.64
CA ASP A 234 22.50 8.28 4.68
C ASP A 234 21.67 7.60 5.77
N LEU A 235 21.60 6.28 5.70
CA LEU A 235 20.81 5.53 6.69
C LEU A 235 21.31 5.77 8.11
N LEU A 236 22.61 6.01 8.29
CA LEU A 236 23.16 6.17 9.63
C LEU A 236 22.59 7.41 10.31
N THR A 237 22.51 8.52 9.58
CA THR A 237 21.94 9.75 10.15
C THR A 237 20.47 9.55 10.49
N HIS A 238 19.75 8.80 9.63
CA HIS A 238 18.33 8.56 9.88
C HIS A 238 18.10 7.77 11.17
N MET A 239 19.07 6.94 11.57
CA MET A 239 18.94 6.11 12.76
C MET A 239 19.42 6.80 14.04
N LEU A 240 20.37 7.73 13.94
CA LEU A 240 20.88 8.40 15.13
C LEU A 240 19.93 9.49 15.62
N ASN A 241 19.23 10.16 14.71
CA ASN A 241 18.36 11.27 15.06
C ASN A 241 16.88 10.94 14.91
N GLY A 242 16.53 9.80 14.29
CA GLY A 242 15.14 9.43 14.14
C GLY A 242 14.59 8.77 15.39
N LYS A 243 13.36 9.12 15.73
CA LYS A 243 12.66 8.55 16.87
C LYS A 243 11.36 7.92 16.41
N ASP A 244 11.05 6.75 16.96
CA ASP A 244 9.83 6.04 16.61
C ASP A 244 8.61 6.83 17.06
N PRO A 245 7.68 7.16 16.16
CA PRO A 245 6.50 7.93 16.58
C PRO A 245 5.64 7.21 17.61
N GLU A 246 5.59 5.87 17.55
CA GLU A 246 4.73 5.13 18.47
C GLU A 246 5.19 5.30 19.92
N THR A 247 6.41 4.85 20.22
CA THR A 247 6.92 4.90 21.58
C THR A 247 7.62 6.21 21.92
N GLY A 248 8.01 7.00 20.91
CA GLY A 248 8.72 8.23 21.14
C GLY A 248 10.21 8.09 21.32
N GLU A 249 10.73 6.85 21.40
CA GLU A 249 12.10 6.49 21.71
C GLU A 249 12.92 6.34 20.43
N PRO A 250 14.23 6.60 20.50
CA PRO A 250 15.11 6.28 19.37
C PRO A 250 15.77 4.93 19.54
N LEU A 251 16.27 4.36 18.44
CA LEU A 251 17.01 3.10 18.53
C LEU A 251 18.28 3.31 19.36
N ASP A 252 18.55 2.36 20.25
CA ASP A 252 19.79 2.42 21.01
C ASP A 252 20.95 1.91 20.17
N ASP A 253 22.17 2.09 20.70
CA ASP A 253 23.38 1.91 19.88
C ASP A 253 23.61 0.46 19.48
N GLU A 254 23.23 -0.50 20.34
CA GLU A 254 23.43 -1.90 19.99
C GLU A 254 22.57 -2.30 18.80
N ASN A 255 21.32 -1.84 18.76
CA ASN A 255 20.44 -2.21 17.65
C ASN A 255 20.89 -1.56 16.35
N ILE A 256 21.34 -0.29 16.41
CA ILE A 256 21.80 0.39 15.21
C ILE A 256 22.98 -0.34 14.58
N ARG A 257 23.84 -0.92 15.43
CA ARG A 257 24.92 -1.76 14.92
C ARG A 257 24.36 -2.97 14.17
N TYR A 258 23.29 -3.58 14.69
CA TYR A 258 22.70 -4.72 14.04
C TYR A 258 22.04 -4.35 12.72
N GLN A 259 21.46 -3.14 12.63
CA GLN A 259 20.85 -2.70 11.38
C GLN A 259 21.90 -2.48 10.30
N ILE A 260 23.06 -1.93 10.67
CA ILE A 260 24.12 -1.71 9.69
C ILE A 260 24.67 -3.03 9.19
N ILE A 261 24.92 -3.97 10.11
CA ILE A 261 25.32 -5.31 9.71
C ILE A 261 24.24 -5.94 8.83
N THR A 262 22.97 -5.75 9.20
CA THR A 262 21.87 -6.27 8.40
C THR A 262 21.86 -5.66 7.01
N PHE A 263 21.98 -4.33 6.93
CA PHE A 263 21.92 -3.65 5.63
C PHE A 263 23.12 -4.02 4.76
N LEU A 264 24.25 -4.37 5.35
CA LEU A 264 25.39 -4.79 4.56
C LEU A 264 25.22 -6.20 3.99
N ILE A 265 24.66 -7.12 4.77
CA ILE A 265 24.38 -8.47 4.28
C ILE A 265 23.24 -8.43 3.27
N ALA A 266 22.06 -8.06 3.75
CA ALA A 266 20.85 -8.04 2.92
C ALA A 266 20.96 -7.10 1.73
N GLY A 267 22.01 -6.28 1.66
CA GLY A 267 22.13 -5.37 0.54
C GLY A 267 22.91 -5.93 -0.62
N HIS A 268 24.21 -6.15 -0.45
CA HIS A 268 25.09 -6.29 -1.61
C HIS A 268 24.86 -7.63 -2.33
N GLU A 269 24.93 -8.75 -1.61
CA GLU A 269 25.03 -10.03 -2.29
C GLU A 269 23.67 -10.57 -2.73
N VAL A 270 22.60 -10.19 -2.04
CA VAL A 270 21.27 -10.50 -2.57
C VAL A 270 20.97 -9.63 -3.79
N THR A 271 21.36 -8.36 -3.76
CA THR A 271 21.12 -7.47 -4.90
C THR A 271 22.06 -7.77 -6.06
N SER A 272 23.33 -8.06 -5.77
CA SER A 272 24.28 -8.33 -6.85
C SER A 272 23.91 -9.59 -7.62
N GLY A 273 23.27 -10.55 -6.97
CA GLY A 273 22.78 -11.72 -7.67
C GLY A 273 21.75 -11.37 -8.74
N LEU A 274 20.89 -10.40 -8.43
CA LEU A 274 19.88 -9.96 -9.40
C LEU A 274 20.53 -9.42 -10.67
N LEU A 275 21.54 -8.57 -10.52
CA LEU A 275 22.23 -8.03 -11.69
C LEU A 275 22.94 -9.13 -12.48
N SER A 276 23.59 -10.06 -11.78
CA SER A 276 24.27 -11.14 -12.46
C SER A 276 23.31 -12.06 -13.19
N PHE A 277 22.18 -12.40 -12.54
CA PHE A 277 21.17 -13.20 -13.23
C PHE A 277 20.54 -12.42 -14.38
N ALA A 278 20.32 -11.11 -14.18
CA ALA A 278 19.73 -10.30 -15.24
C ALA A 278 20.63 -10.26 -16.47
N LEU A 279 21.93 -10.01 -16.27
CA LEU A 279 22.85 -9.97 -17.40
C LEU A 279 22.97 -11.34 -18.06
N TYR A 280 22.95 -12.40 -17.26
CA TYR A 280 22.99 -13.75 -17.82
C TYR A 280 21.79 -14.01 -18.73
N PHE A 281 20.58 -13.72 -18.24
CA PHE A 281 19.39 -13.95 -19.04
C PHE A 281 19.32 -13.01 -20.24
N LEU A 282 19.97 -11.86 -20.15
CA LEU A 282 20.00 -10.94 -21.29
C LEU A 282 20.86 -11.48 -22.42
N VAL A 283 22.07 -11.95 -22.09
CA VAL A 283 22.98 -12.46 -23.12
C VAL A 283 22.57 -13.82 -23.65
N LYS A 284 21.66 -14.51 -22.96
CA LYS A 284 21.10 -15.76 -23.47
C LYS A 284 19.85 -15.56 -24.31
N ASN A 285 19.33 -14.34 -24.37
CA ASN A 285 18.15 -14.01 -25.17
C ASN A 285 18.44 -12.71 -25.90
N PRO A 286 19.08 -12.78 -27.07
CA PRO A 286 19.54 -11.56 -27.74
C PRO A 286 18.41 -10.62 -28.13
N HIS A 287 17.21 -11.14 -28.41
CA HIS A 287 16.08 -10.26 -28.73
C HIS A 287 15.68 -9.43 -27.52
N VAL A 288 15.58 -10.06 -26.35
CA VAL A 288 15.30 -9.31 -25.12
C VAL A 288 16.44 -8.35 -24.82
N LEU A 289 17.68 -8.79 -25.07
CA LEU A 289 18.84 -7.91 -24.89
C LEU A 289 18.72 -6.67 -25.77
N GLN A 290 18.38 -6.86 -27.04
CA GLN A 290 18.27 -5.74 -27.96
C GLN A 290 17.11 -4.82 -27.58
N LYS A 291 16.00 -5.40 -27.12
CA LYS A 291 14.85 -4.59 -26.74
C LYS A 291 15.17 -3.71 -25.53
N ALA A 292 15.93 -4.23 -24.57
CA ALA A 292 16.30 -3.43 -23.40
C ALA A 292 17.42 -2.44 -23.73
N ALA A 293 18.35 -2.83 -24.61
CA ALA A 293 19.39 -1.89 -25.03
C ALA A 293 18.80 -0.74 -25.83
N GLU A 294 17.76 -0.99 -26.62
CA GLU A 294 17.10 0.09 -27.34
C GLU A 294 16.46 1.09 -26.38
N GLU A 295 15.83 0.59 -25.31
CA GLU A 295 15.19 1.48 -24.36
C GLU A 295 16.22 2.31 -23.59
N ALA A 296 17.36 1.71 -23.23
CA ALA A 296 18.40 2.45 -22.53
C ALA A 296 18.92 3.60 -23.38
N ALA A 297 19.05 3.38 -24.70
CA ALA A 297 19.49 4.43 -25.59
C ALA A 297 18.39 5.46 -25.81
N ARG A 298 17.13 5.03 -25.80
CA ARG A 298 16.00 5.92 -26.06
C ARG A 298 15.70 6.83 -24.87
N VAL A 299 16.00 6.40 -23.66
CA VAL A 299 15.68 7.15 -22.45
C VAL A 299 16.87 7.93 -21.93
N LEU A 300 18.02 7.25 -21.75
CA LEU A 300 19.20 7.84 -21.13
C LEU A 300 19.92 8.70 -22.15
N VAL A 301 19.40 9.92 -22.34
CA VAL A 301 19.95 10.86 -23.31
C VAL A 301 21.05 11.74 -22.71
N ASP A 302 21.28 11.65 -21.41
CA ASP A 302 22.27 12.45 -20.72
C ASP A 302 23.50 11.62 -20.38
N PRO A 303 24.66 12.25 -20.20
CA PRO A 303 25.84 11.49 -19.78
C PRO A 303 25.69 10.87 -18.40
N VAL A 304 24.89 11.49 -17.53
CA VAL A 304 24.58 10.97 -16.21
C VAL A 304 23.08 10.77 -16.12
N PRO A 305 22.59 9.56 -15.86
CA PRO A 305 21.14 9.37 -15.77
C PRO A 305 20.57 10.07 -14.54
N SER A 306 19.40 10.68 -14.71
CA SER A 306 18.71 11.32 -13.61
C SER A 306 17.80 10.32 -12.91
N TYR A 307 17.27 10.73 -11.76
CA TYR A 307 16.29 9.91 -11.06
C TYR A 307 15.04 9.73 -11.90
N LYS A 308 14.61 10.80 -12.59
CA LYS A 308 13.43 10.72 -13.44
C LYS A 308 13.64 9.73 -14.57
N GLN A 309 14.83 9.75 -15.18
CA GLN A 309 15.11 8.86 -16.32
C GLN A 309 15.12 7.39 -15.91
N VAL A 310 15.59 7.08 -14.70
CA VAL A 310 15.58 5.69 -14.24
C VAL A 310 14.16 5.17 -14.14
N LYS A 311 13.24 6.00 -13.64
CA LYS A 311 11.84 5.59 -13.54
C LYS A 311 11.21 5.34 -14.90
N GLN A 312 11.78 5.90 -15.97
CA GLN A 312 11.26 5.70 -17.31
C GLN A 312 11.81 4.44 -17.98
N LEU A 313 12.76 3.75 -17.34
CA LEU A 313 13.30 2.49 -17.89
C LEU A 313 12.33 1.37 -17.55
N LYS A 314 11.19 1.38 -18.24
CA LYS A 314 10.11 0.44 -17.96
C LYS A 314 10.51 -0.99 -18.31
N TYR A 315 11.08 -1.20 -19.50
CA TYR A 315 11.42 -2.56 -19.91
C TYR A 315 12.61 -3.11 -19.11
N VAL A 316 13.55 -2.24 -18.73
CA VAL A 316 14.65 -2.69 -17.87
C VAL A 316 14.11 -3.23 -16.55
N GLY A 317 13.09 -2.58 -16.01
CA GLY A 317 12.47 -3.10 -14.80
C GLY A 317 11.77 -4.43 -15.01
N MET A 318 11.16 -4.61 -16.19
CA MET A 318 10.58 -5.91 -16.53
C MET A 318 11.66 -6.98 -16.60
N VAL A 319 12.83 -6.63 -17.14
CA VAL A 319 13.95 -7.57 -17.17
C VAL A 319 14.37 -7.94 -15.76
N LEU A 320 14.42 -6.95 -14.86
CA LEU A 320 14.80 -7.22 -13.48
C LEU A 320 13.73 -8.05 -12.77
N ASN A 321 12.46 -7.79 -13.06
CA ASN A 321 11.40 -8.57 -12.42
C ASN A 321 11.34 -10.00 -12.94
N GLU A 322 11.65 -10.21 -14.22
CA GLU A 322 11.62 -11.56 -14.76
C GLU A 322 12.82 -12.38 -14.27
N ALA A 323 13.98 -11.74 -14.10
CA ALA A 323 15.11 -12.43 -13.52
C ALA A 323 14.85 -12.81 -12.07
N LEU A 324 14.12 -11.96 -11.33
CA LEU A 324 13.72 -12.31 -9.98
C LEU A 324 12.72 -13.45 -9.97
N ARG A 325 11.92 -13.59 -11.03
CA ARG A 325 10.97 -14.70 -11.10
C ARG A 325 11.70 -16.03 -11.15
N LEU A 326 12.57 -16.21 -12.14
CA LEU A 326 13.23 -17.49 -12.32
C LEU A 326 14.20 -17.79 -11.18
N TRP A 327 14.99 -16.82 -10.78
CA TRP A 327 16.01 -17.01 -9.75
C TRP A 327 15.96 -15.87 -8.74
N PRO A 328 15.00 -15.90 -7.82
CA PRO A 328 15.00 -14.92 -6.72
C PRO A 328 16.19 -15.16 -5.81
N THR A 329 16.94 -14.09 -5.55
CA THR A 329 18.20 -14.23 -4.82
C THR A 329 18.01 -14.42 -3.33
N ALA A 330 16.84 -14.09 -2.79
CA ALA A 330 16.48 -14.53 -1.44
C ALA A 330 15.45 -15.65 -1.60
N PRO A 331 15.90 -16.90 -1.75
CA PRO A 331 15.03 -17.92 -2.37
C PRO A 331 13.87 -18.39 -1.51
N ALA A 332 13.75 -18.00 -0.25
CA ALA A 332 12.61 -18.45 0.54
C ALA A 332 12.52 -17.65 1.82
N PHE A 333 11.33 -17.70 2.43
CA PHE A 333 11.08 -17.13 3.75
C PHE A 333 10.21 -18.10 4.53
N SER A 334 10.15 -17.90 5.85
CA SER A 334 9.51 -18.83 6.76
C SER A 334 8.28 -18.20 7.41
N LEU A 335 7.28 -19.03 7.67
CA LEU A 335 6.04 -18.60 8.32
C LEU A 335 5.62 -19.63 9.34
N TYR A 336 4.88 -19.19 10.35
CA TYR A 336 4.30 -20.07 11.34
C TYR A 336 2.83 -19.76 11.52
N ALA A 337 2.04 -20.78 11.81
CA ALA A 337 0.61 -20.61 11.99
C ALA A 337 0.32 -19.92 13.32
N LYS A 338 -0.39 -18.79 13.27
CA LYS A 338 -0.73 -18.08 14.49
C LYS A 338 -1.72 -18.87 15.33
N GLU A 339 -2.65 -19.56 14.69
CA GLU A 339 -3.66 -20.35 15.38
C GLU A 339 -3.87 -21.66 14.62
N ASP A 340 -4.68 -22.53 15.21
CA ASP A 340 -5.11 -23.74 14.51
C ASP A 340 -5.87 -23.35 13.25
N THR A 341 -5.42 -23.87 12.10
CA THR A 341 -6.02 -23.52 10.84
C THR A 341 -5.88 -24.70 9.88
N VAL A 342 -6.61 -24.61 8.77
CA VAL A 342 -6.57 -25.63 7.71
C VAL A 342 -6.05 -24.97 6.45
N LEU A 343 -5.03 -25.58 5.84
CA LEU A 343 -4.39 -25.05 4.65
C LEU A 343 -4.93 -25.76 3.43
N GLY A 344 -5.53 -25.00 2.51
CA GLY A 344 -6.07 -25.56 1.29
C GLY A 344 -7.27 -26.46 1.47
N GLY A 345 -7.89 -26.47 2.64
CA GLY A 345 -9.05 -27.31 2.87
C GLY A 345 -8.75 -28.78 3.05
N GLU A 346 -7.48 -29.16 3.19
CA GLU A 346 -7.12 -30.57 3.27
C GLU A 346 -5.90 -30.81 4.15
N TYR A 347 -5.16 -29.75 4.45
CA TYR A 347 -3.94 -29.86 5.27
C TYR A 347 -4.15 -29.12 6.60
N PRO A 348 -4.63 -29.79 7.64
CA PRO A 348 -4.82 -29.11 8.93
C PRO A 348 -3.47 -28.83 9.60
N LEU A 349 -3.33 -27.61 10.10
CA LEU A 349 -2.11 -27.17 10.78
C LEU A 349 -2.43 -26.76 12.21
N GLU A 350 -1.55 -27.13 13.14
CA GLU A 350 -1.67 -26.70 14.52
C GLU A 350 -0.94 -25.38 14.73
N LYS A 351 -1.30 -24.71 15.83
CA LYS A 351 -0.64 -23.46 16.18
C LYS A 351 0.85 -23.66 16.36
N GLY A 352 1.64 -22.80 15.73
CA GLY A 352 3.09 -22.88 15.81
C GLY A 352 3.75 -23.70 14.73
N ASP A 353 2.99 -24.47 13.96
CA ASP A 353 3.58 -25.25 12.87
C ASP A 353 4.21 -24.34 11.82
N GLU A 354 5.29 -24.82 11.22
CA GLU A 354 6.12 -24.02 10.33
C GLU A 354 5.77 -24.28 8.87
N LEU A 355 5.99 -23.26 8.04
CA LEU A 355 5.85 -23.35 6.60
C LEU A 355 7.06 -22.74 5.93
N MET A 356 7.39 -23.26 4.74
CA MET A 356 8.42 -22.69 3.89
C MET A 356 7.81 -22.30 2.55
N VAL A 357 8.18 -21.12 2.06
CA VAL A 357 7.72 -20.63 0.77
C VAL A 357 8.92 -20.74 -0.18
N LEU A 358 8.97 -21.83 -0.95
CA LEU A 358 10.05 -22.04 -1.91
C LEU A 358 9.78 -21.14 -3.10
N ILE A 359 10.42 -19.96 -3.09
CA ILE A 359 10.07 -18.92 -4.05
C ILE A 359 10.38 -19.31 -5.49
N PRO A 360 11.53 -19.90 -5.82
CA PRO A 360 11.76 -20.30 -7.23
C PRO A 360 10.73 -21.30 -7.74
N GLN A 361 10.17 -22.14 -6.87
CA GLN A 361 9.13 -23.07 -7.30
C GLN A 361 7.79 -22.37 -7.47
N LEU A 362 7.44 -21.49 -6.53
CA LEU A 362 6.23 -20.69 -6.66
C LEU A 362 6.19 -19.96 -8.00
N HIS A 363 7.32 -19.40 -8.42
CA HIS A 363 7.41 -18.68 -9.68
C HIS A 363 7.45 -19.58 -10.90
N ARG A 364 7.36 -20.91 -10.72
CA ARG A 364 7.28 -21.85 -11.82
C ARG A 364 5.93 -22.55 -11.89
N ASP A 365 4.92 -22.01 -11.20
CA ASP A 365 3.56 -22.55 -11.22
C ASP A 365 2.97 -22.40 -12.62
N LYS A 366 2.77 -23.54 -13.31
CA LYS A 366 2.25 -23.49 -14.67
C LYS A 366 0.83 -22.92 -14.73
N THR A 367 0.07 -23.07 -13.63
CA THR A 367 -1.27 -22.50 -13.61
C THR A 367 -1.28 -20.98 -13.54
N ILE A 368 -0.14 -20.35 -13.26
CA ILE A 368 -0.03 -18.90 -13.19
C ILE A 368 0.66 -18.33 -14.42
N TRP A 369 1.78 -18.92 -14.82
CA TRP A 369 2.62 -18.38 -15.87
C TRP A 369 2.53 -19.16 -17.18
N GLY A 370 1.76 -20.25 -17.22
CA GLY A 370 1.63 -21.04 -18.42
C GLY A 370 2.67 -22.14 -18.51
N ASP A 371 2.75 -22.73 -19.70
CA ASP A 371 3.70 -23.81 -19.94
C ASP A 371 5.12 -23.30 -20.14
N ASP A 372 5.29 -22.04 -20.53
CA ASP A 372 6.62 -21.47 -20.79
C ASP A 372 7.22 -20.83 -19.54
N VAL A 373 7.13 -21.50 -18.39
CA VAL A 373 7.67 -20.92 -17.15
C VAL A 373 9.18 -20.77 -17.23
N GLU A 374 9.87 -21.69 -17.89
CA GLU A 374 11.33 -21.66 -17.92
C GLU A 374 11.90 -20.65 -18.90
N GLU A 375 11.06 -20.01 -19.70
CA GLU A 375 11.52 -19.03 -20.67
C GLU A 375 11.60 -17.65 -20.05
N PHE A 376 12.59 -16.87 -20.50
CA PHE A 376 12.81 -15.52 -20.01
C PHE A 376 11.99 -14.56 -20.87
N ARG A 377 10.76 -14.27 -20.42
CA ARG A 377 9.85 -13.36 -21.09
C ARG A 377 9.55 -12.20 -20.16
N PRO A 378 10.33 -11.11 -20.23
CA PRO A 378 10.04 -9.95 -19.39
C PRO A 378 8.67 -9.34 -19.64
N GLU A 379 8.06 -9.62 -20.79
CA GLU A 379 6.73 -9.13 -21.12
C GLU A 379 5.63 -9.70 -20.23
N ARG A 380 5.94 -10.63 -19.33
CA ARG A 380 4.96 -11.10 -18.37
C ARG A 380 4.52 -10.01 -17.40
N PHE A 381 5.36 -9.00 -17.18
CA PHE A 381 5.10 -7.99 -16.17
C PHE A 381 4.66 -6.66 -16.79
N GLU A 382 4.10 -6.70 -18.00
CA GLU A 382 3.54 -5.48 -18.60
C GLU A 382 2.38 -4.94 -17.76
N ASN A 383 1.61 -5.83 -17.15
CA ASN A 383 0.46 -5.44 -16.34
C ASN A 383 0.49 -6.15 -14.99
N PRO A 384 0.77 -5.44 -13.90
CA PRO A 384 0.76 -6.10 -12.58
C PRO A 384 -0.63 -6.55 -12.17
N SER A 385 -1.68 -5.92 -12.69
CA SER A 385 -3.03 -6.35 -12.37
C SER A 385 -3.40 -7.64 -13.08
N ALA A 386 -2.67 -8.00 -14.14
CA ALA A 386 -2.87 -9.28 -14.80
C ALA A 386 -2.23 -10.42 -14.04
N ILE A 387 -1.33 -10.12 -13.12
CA ILE A 387 -0.66 -11.16 -12.34
C ILE A 387 -1.54 -11.53 -11.14
N PRO A 388 -1.82 -12.82 -10.92
CA PRO A 388 -2.69 -13.20 -9.80
C PRO A 388 -2.06 -12.81 -8.46
N GLN A 389 -2.88 -12.91 -7.42
CA GLN A 389 -2.46 -12.47 -6.10
C GLN A 389 -1.48 -13.46 -5.48
N HIS A 390 -0.39 -12.94 -4.92
CA HIS A 390 0.62 -13.72 -4.21
C HIS A 390 1.30 -14.75 -5.12
N ALA A 391 1.37 -14.46 -6.41
CA ALA A 391 2.07 -15.33 -7.35
C ALA A 391 3.53 -14.94 -7.55
N PHE A 392 3.91 -13.71 -7.23
CA PHE A 392 5.26 -13.19 -7.45
C PHE A 392 5.72 -12.58 -6.13
N LYS A 393 6.58 -13.29 -5.41
CA LYS A 393 6.99 -12.90 -4.06
C LYS A 393 8.52 -12.89 -3.91
N PRO A 394 9.23 -12.10 -4.73
CA PRO A 394 10.69 -12.06 -4.60
C PRO A 394 11.18 -11.25 -3.40
N PHE A 395 10.32 -10.44 -2.78
CA PHE A 395 10.72 -9.55 -1.70
C PHE A 395 9.98 -9.84 -0.40
N GLY A 396 9.49 -11.07 -0.21
CA GLY A 396 8.78 -11.40 1.00
C GLY A 396 7.29 -11.09 0.90
N ASN A 397 6.66 -10.99 2.07
CA ASN A 397 5.22 -10.80 2.14
C ASN A 397 4.85 -9.89 3.31
N GLY A 398 3.86 -9.04 3.10
CA GLY A 398 3.21 -8.25 4.12
C GLY A 398 4.14 -7.24 4.78
N GLN A 399 3.89 -7.00 6.07
CA GLN A 399 4.70 -6.05 6.83
C GLN A 399 6.13 -6.52 7.02
N ARG A 400 6.39 -7.82 6.87
CA ARG A 400 7.73 -8.36 6.94
C ARG A 400 8.40 -8.44 5.57
N ALA A 401 7.89 -7.71 4.59
CA ALA A 401 8.50 -7.72 3.26
C ALA A 401 9.81 -6.91 3.27
N CYS A 402 10.52 -6.98 2.15
CA CYS A 402 11.80 -6.30 2.02
C CYS A 402 11.64 -4.80 2.10
N ILE A 403 12.29 -4.17 3.09
CA ILE A 403 12.25 -2.72 3.20
C ILE A 403 13.16 -2.05 2.19
N GLY A 404 14.19 -2.74 1.72
CA GLY A 404 15.09 -2.17 0.74
C GLY A 404 14.72 -2.56 -0.67
N GLN A 405 13.45 -2.93 -0.86
CA GLN A 405 12.97 -3.33 -2.17
C GLN A 405 13.14 -2.22 -3.20
N GLN A 406 12.70 -1.07 -2.73
CA GLN A 406 12.89 0.13 -3.53
C GLN A 406 14.39 0.19 -3.82
N PHE A 407 15.17 0.32 -2.85
CA PHE A 407 16.61 0.59 -2.95
C PHE A 407 17.26 -0.33 -3.98
N ALA A 408 16.96 -1.63 -3.89
CA ALA A 408 17.61 -2.61 -4.78
C ALA A 408 17.14 -2.46 -6.22
N LEU A 409 15.86 -2.13 -6.44
CA LEU A 409 15.36 -2.03 -7.81
C LEU A 409 15.86 -0.76 -8.48
N HIS A 410 15.89 0.37 -7.76
CA HIS A 410 16.39 1.60 -8.35
C HIS A 410 17.88 1.49 -8.66
N GLU A 411 18.66 0.93 -7.73
CA GLU A 411 20.08 0.75 -7.98
C GLU A 411 20.32 -0.19 -9.16
N ALA A 412 19.56 -1.28 -9.25
CA ALA A 412 19.75 -2.23 -10.33
C ALA A 412 19.26 -1.69 -11.66
N THR A 413 18.20 -0.88 -11.65
CA THR A 413 17.70 -0.31 -12.90
C THR A 413 18.65 0.74 -13.45
N LEU A 414 19.17 1.61 -12.57
CA LEU A 414 20.14 2.62 -13.00
C LEU A 414 21.37 1.96 -13.59
N VAL A 415 21.96 1.00 -12.87
CA VAL A 415 23.22 0.38 -13.31
C VAL A 415 23.00 -0.43 -14.58
N LEU A 416 21.91 -1.21 -14.62
CA LEU A 416 21.64 -2.03 -15.81
C LEU A 416 21.37 -1.15 -17.03
N GLY A 417 20.70 -0.03 -16.82
CA GLY A 417 20.46 0.89 -17.93
C GLY A 417 21.74 1.46 -18.49
N MET A 418 22.68 1.85 -17.61
CA MET A 418 23.96 2.36 -18.08
C MET A 418 24.79 1.26 -18.74
N MET A 419 24.67 0.02 -18.26
CA MET A 419 25.40 -1.09 -18.87
C MET A 419 24.93 -1.33 -20.30
N LEU A 420 23.60 -1.35 -20.50
CA LEU A 420 23.07 -1.60 -21.84
C LEU A 420 23.29 -0.41 -22.77
N LYS A 421 23.41 0.79 -22.22
CA LYS A 421 23.61 1.97 -23.05
C LYS A 421 25.04 2.06 -23.57
N HIS A 422 26.02 1.67 -22.74
CA HIS A 422 27.43 1.94 -23.04
C HIS A 422 28.17 0.77 -23.65
N PHE A 423 27.63 -0.45 -23.60
CA PHE A 423 28.40 -1.62 -24.02
C PHE A 423 27.55 -2.59 -24.81
N ASP A 424 28.14 -3.14 -25.86
CA ASP A 424 27.66 -4.39 -26.46
C ASP A 424 28.25 -5.56 -25.68
N PHE A 425 27.45 -6.60 -25.49
CA PHE A 425 27.84 -7.71 -24.62
C PHE A 425 27.87 -9.01 -25.41
N GLU A 426 28.95 -9.76 -25.25
CA GLU A 426 29.17 -11.02 -25.96
C GLU A 426 29.40 -12.14 -24.94
N ASP A 427 28.68 -13.25 -25.13
CA ASP A 427 28.86 -14.45 -24.31
C ASP A 427 29.91 -15.34 -24.97
N HIS A 428 31.17 -14.89 -24.84
CA HIS A 428 32.25 -15.48 -25.63
C HIS A 428 32.55 -16.92 -25.25
N THR A 429 32.26 -17.33 -24.01
CA THR A 429 32.49 -18.70 -23.58
C THR A 429 31.24 -19.57 -23.69
N ASN A 430 30.12 -18.99 -24.09
CA ASN A 430 28.82 -19.66 -24.07
C ASN A 430 28.57 -20.28 -22.69
N TYR A 431 28.52 -19.40 -21.69
CA TYR A 431 28.50 -19.79 -20.29
C TYR A 431 27.40 -20.80 -19.98
N GLU A 432 27.77 -21.87 -19.29
CA GLU A 432 26.83 -22.87 -18.80
C GLU A 432 26.45 -22.50 -17.37
N LEU A 433 25.15 -22.29 -17.14
CA LEU A 433 24.69 -21.76 -15.86
C LEU A 433 25.03 -22.71 -14.72
N ASP A 434 25.73 -22.18 -13.71
CA ASP A 434 26.09 -22.93 -12.52
C ASP A 434 25.81 -22.03 -11.32
N ILE A 435 24.77 -22.35 -10.56
CA ILE A 435 24.28 -21.49 -9.49
C ILE A 435 24.97 -21.91 -8.19
N LYS A 436 25.85 -21.05 -7.68
CA LYS A 436 26.51 -21.29 -6.41
C LYS A 436 25.61 -20.85 -5.27
N GLU A 437 25.51 -21.69 -4.25
CA GLU A 437 24.56 -21.47 -3.15
C GLU A 437 25.30 -21.18 -1.86
N THR A 438 25.14 -19.96 -1.35
CA THR A 438 25.56 -19.67 0.04
C THR A 438 24.19 -19.54 0.73
N LEU A 439 23.94 -18.44 1.43
CA LEU A 439 22.56 -18.19 1.81
C LEU A 439 21.75 -17.61 0.65
N THR A 440 22.41 -17.22 -0.44
CA THR A 440 21.73 -16.70 -1.61
C THR A 440 22.17 -17.46 -2.86
N LEU A 441 21.73 -17.00 -4.03
CA LEU A 441 22.06 -17.65 -5.30
C LEU A 441 22.80 -16.67 -6.20
N LYS A 442 23.82 -17.16 -6.90
CA LYS A 442 24.55 -16.36 -7.87
C LYS A 442 25.11 -17.28 -8.95
N PRO A 443 25.19 -16.81 -10.19
CA PRO A 443 25.80 -17.62 -11.26
C PRO A 443 27.32 -17.59 -11.16
N GLU A 444 27.88 -18.71 -10.70
CA GLU A 444 29.32 -18.79 -10.49
C GLU A 444 30.07 -18.91 -11.81
N GLY A 445 31.16 -18.16 -11.94
CA GLY A 445 32.00 -18.22 -13.12
C GLY A 445 31.42 -17.59 -14.36
N PHE A 446 30.39 -16.76 -14.22
CA PHE A 446 29.75 -16.12 -15.36
C PHE A 446 30.61 -14.96 -15.84
N VAL A 447 31.11 -15.06 -17.07
CA VAL A 447 31.99 -14.05 -17.64
C VAL A 447 31.44 -13.62 -18.99
N VAL A 448 31.71 -12.37 -19.36
CA VAL A 448 31.28 -11.79 -20.63
C VAL A 448 32.37 -10.85 -21.14
N LYS A 449 32.26 -10.49 -22.41
CA LYS A 449 33.06 -9.43 -23.01
C LYS A 449 32.16 -8.23 -23.31
N ALA A 450 32.68 -7.03 -23.06
CA ALA A 450 31.92 -5.80 -23.27
C ALA A 450 32.70 -4.91 -24.22
N LYS A 451 32.28 -4.88 -25.47
CA LYS A 451 32.84 -3.95 -26.45
C LYS A 451 32.15 -2.60 -26.32
N SER A 452 32.90 -1.59 -25.91
CA SER A 452 32.34 -0.28 -25.64
C SER A 452 31.76 0.37 -26.90
N LYS A 453 30.73 1.17 -26.71
CA LYS A 453 30.13 1.97 -27.77
C LYS A 453 30.74 3.36 -27.87
N LYS A 454 31.73 3.67 -27.03
CA LYS A 454 32.47 4.94 -27.07
C LYS A 454 31.56 6.14 -26.82
N ILE A 455 30.58 5.97 -25.94
CA ILE A 455 29.69 7.05 -25.53
C ILE A 455 30.29 7.68 -24.26
N PRO A 456 30.59 8.97 -24.27
CA PRO A 456 31.29 9.55 -23.11
C PRO A 456 30.35 9.83 -21.95
N LEU A 457 30.98 10.01 -20.78
CA LEU A 457 30.24 10.28 -19.55
C LEU A 457 30.28 11.77 -19.22
N LYS B 5 6.43 32.65 -4.83
CA LYS B 5 5.88 33.51 -3.78
C LYS B 5 4.58 34.16 -4.24
N GLU B 6 4.50 34.48 -5.53
CA GLU B 6 3.30 35.06 -6.11
C GLU B 6 2.33 33.94 -6.47
N MET B 7 1.16 33.94 -5.84
CA MET B 7 0.21 32.84 -6.00
C MET B 7 -0.66 33.08 -7.23
N PRO B 8 -0.79 32.09 -8.11
CA PRO B 8 -1.63 32.26 -9.30
C PRO B 8 -3.10 32.37 -8.92
N GLN B 9 -3.91 32.71 -9.93
CA GLN B 9 -5.35 32.88 -9.73
C GLN B 9 -6.05 32.70 -11.07
N PRO B 10 -7.16 31.96 -11.12
CA PRO B 10 -7.87 31.78 -12.40
C PRO B 10 -8.55 33.04 -12.90
N LYS B 11 -9.26 32.94 -14.02
CA LYS B 11 -9.91 34.08 -14.63
C LYS B 11 -10.94 34.70 -13.69
N THR B 12 -11.11 36.01 -13.78
CA THR B 12 -12.02 36.77 -12.95
C THR B 12 -13.18 37.30 -13.78
N PHE B 13 -14.23 37.73 -13.08
CA PHE B 13 -15.47 38.19 -13.70
C PHE B 13 -15.86 39.57 -13.19
N GLY B 14 -14.89 40.47 -13.07
CA GLY B 14 -15.19 41.81 -12.59
C GLY B 14 -15.43 41.82 -11.10
N GLU B 15 -16.56 42.40 -10.69
CA GLU B 15 -16.86 42.57 -9.28
C GLU B 15 -17.12 41.25 -8.57
N LEU B 16 -17.45 40.19 -9.30
CA LEU B 16 -17.68 38.88 -8.70
C LEU B 16 -16.41 38.06 -8.53
N LYS B 17 -15.29 38.53 -9.10
CA LYS B 17 -13.98 37.86 -8.98
C LYS B 17 -14.09 36.48 -9.58
N ASN B 18 -13.79 35.41 -8.86
CA ASN B 18 -13.79 34.04 -9.39
C ASN B 18 -15.08 33.29 -9.14
N LEU B 19 -16.08 33.93 -8.53
CA LEU B 19 -17.30 33.21 -8.14
C LEU B 19 -18.04 32.57 -9.31
N PRO B 20 -18.24 33.23 -10.45
CA PRO B 20 -18.94 32.56 -11.57
C PRO B 20 -18.30 31.27 -12.03
N LEU B 21 -17.01 31.05 -11.73
CA LEU B 21 -16.39 29.77 -12.07
C LEU B 21 -17.07 28.61 -11.36
N LEU B 22 -17.62 28.86 -10.17
CA LEU B 22 -18.36 27.83 -9.45
C LEU B 22 -19.78 27.68 -9.96
N ASN B 23 -20.27 28.64 -10.75
CA ASN B 23 -21.61 28.55 -11.33
C ASN B 23 -21.58 27.51 -12.45
N THR B 24 -21.59 26.25 -12.04
CA THR B 24 -21.53 25.13 -12.95
C THR B 24 -22.03 23.89 -12.22
N ASP B 25 -22.49 22.92 -13.01
CA ASP B 25 -23.02 21.69 -12.42
C ASP B 25 -21.93 20.69 -12.05
N LYS B 26 -20.66 20.99 -12.31
CA LYS B 26 -19.55 20.13 -11.94
C LYS B 26 -18.40 20.98 -11.42
N PRO B 27 -18.53 21.54 -10.22
CA PRO B 27 -17.51 22.48 -9.72
C PRO B 27 -16.21 21.82 -9.27
N VAL B 28 -16.27 20.64 -8.64
CA VAL B 28 -15.06 19.98 -8.19
C VAL B 28 -14.17 19.63 -9.38
N GLN B 29 -14.78 19.05 -10.42
CA GLN B 29 -14.03 18.77 -11.64
C GLN B 29 -13.52 20.05 -12.29
N ALA B 30 -14.23 21.16 -12.12
CA ALA B 30 -13.75 22.43 -12.66
C ALA B 30 -12.51 22.93 -11.91
N LEU B 31 -12.49 22.78 -10.59
CA LEU B 31 -11.31 23.15 -9.83
C LEU B 31 -10.14 22.20 -10.10
N MET B 32 -10.44 20.96 -10.48
CA MET B 32 -9.38 20.04 -10.88
C MET B 32 -8.73 20.50 -12.18
N LYS B 33 -9.53 20.98 -13.14
CA LYS B 33 -8.97 21.48 -14.39
C LYS B 33 -8.18 22.76 -14.16
N ILE B 34 -8.65 23.62 -13.24
CA ILE B 34 -7.91 24.83 -12.90
C ILE B 34 -6.57 24.46 -12.26
N ALA B 35 -6.55 23.41 -11.44
CA ALA B 35 -5.30 22.98 -10.80
C ALA B 35 -4.30 22.47 -11.82
N ASP B 36 -4.78 21.79 -12.87
CA ASP B 36 -3.88 21.28 -13.89
C ASP B 36 -3.14 22.40 -14.62
N GLU B 37 -3.79 23.56 -14.78
CA GLU B 37 -3.13 24.68 -15.47
C GLU B 37 -2.25 25.48 -14.51
N LEU B 38 -2.69 25.68 -13.27
CA LEU B 38 -2.01 26.58 -12.35
C LEU B 38 -1.07 25.88 -11.39
N GLY B 39 -1.25 24.58 -11.15
CA GLY B 39 -0.29 23.85 -10.33
C GLY B 39 -0.76 23.51 -8.94
N GLU B 40 0.19 23.51 -7.99
CA GLU B 40 -0.07 23.00 -6.66
C GLU B 40 -0.88 23.95 -5.78
N ILE B 41 -0.94 25.23 -6.13
CA ILE B 41 -1.68 26.19 -5.30
C ILE B 41 -2.14 27.34 -6.20
N PHE B 42 -3.36 27.81 -5.95
CA PHE B 42 -3.87 29.01 -6.61
C PHE B 42 -4.87 29.69 -5.69
N LYS B 43 -4.88 31.02 -5.74
CA LYS B 43 -5.81 31.80 -4.94
C LYS B 43 -7.18 31.86 -5.61
N PHE B 44 -8.22 31.72 -4.80
CA PHE B 44 -9.60 31.79 -5.27
C PHE B 44 -10.30 32.90 -4.51
N GLU B 45 -10.85 33.87 -5.24
CA GLU B 45 -11.44 35.06 -4.65
C GLU B 45 -12.92 35.17 -4.98
N ALA B 46 -13.69 35.59 -3.99
CA ALA B 46 -15.11 35.86 -4.11
C ALA B 46 -15.41 37.12 -3.33
N PRO B 47 -16.56 37.76 -3.57
CA PRO B 47 -16.93 38.92 -2.75
C PRO B 47 -17.09 38.56 -1.28
N GLY B 48 -16.16 39.02 -0.45
CA GLY B 48 -16.19 38.77 0.97
C GLY B 48 -15.43 37.55 1.44
N ARG B 49 -14.85 36.82 0.50
CA ARG B 49 -14.17 35.53 0.78
C ARG B 49 -12.90 35.39 -0.03
N VAL B 50 -11.86 34.80 0.56
CA VAL B 50 -10.69 34.39 -0.20
C VAL B 50 -10.21 33.06 0.35
N THR B 51 -9.86 32.14 -0.54
CA THR B 51 -9.33 30.84 -0.14
C THR B 51 -8.25 30.41 -1.12
N ARG B 52 -7.45 29.44 -0.67
CA ARG B 52 -6.32 28.92 -1.44
C ARG B 52 -6.49 27.42 -1.59
N TYR B 53 -6.51 26.95 -2.84
CA TYR B 53 -6.73 25.53 -3.12
C TYR B 53 -5.38 24.81 -3.23
N LEU B 54 -5.14 23.88 -2.32
CA LEU B 54 -3.92 23.08 -2.31
C LEU B 54 -4.12 21.79 -3.08
N SER B 55 -3.09 21.38 -3.84
CA SER B 55 -3.19 20.21 -4.70
C SER B 55 -2.00 19.26 -4.61
N SER B 56 -0.93 19.62 -3.94
CA SER B 56 0.26 18.79 -3.86
C SER B 56 0.47 18.26 -2.44
N GLN B 57 1.05 17.07 -2.36
CA GLN B 57 1.39 16.50 -1.06
C GLN B 57 2.41 17.35 -0.33
N ARG B 58 3.25 18.08 -1.08
CA ARG B 58 4.25 18.94 -0.45
C ARG B 58 3.61 19.99 0.46
N LEU B 59 2.53 20.62 -0.01
CA LEU B 59 1.87 21.65 0.77
C LEU B 59 0.78 21.11 1.68
N ILE B 60 0.11 20.03 1.27
CA ILE B 60 -0.98 19.50 2.08
C ILE B 60 -0.45 18.83 3.33
N LYS B 61 0.75 18.22 3.25
CA LYS B 61 1.36 17.65 4.45
C LYS B 61 1.67 18.72 5.48
N GLU B 62 1.88 19.97 5.03
CA GLU B 62 2.05 21.08 5.97
C GLU B 62 0.72 21.58 6.48
N ALA B 63 -0.29 21.68 5.61
CA ALA B 63 -1.61 22.10 6.04
C ALA B 63 -2.21 21.13 7.05
N CYS B 64 -1.80 19.86 6.99
CA CYS B 64 -2.27 18.85 7.92
C CYS B 64 -1.56 18.90 9.27
N ASP B 65 -0.63 19.83 9.47
CA ASP B 65 -0.01 20.04 10.76
C ASP B 65 -1.03 20.68 11.70
N GLU B 66 -1.53 19.90 12.66
CA GLU B 66 -2.57 20.42 13.55
C GLU B 66 -2.06 21.49 14.50
N SER B 67 -0.75 21.53 14.78
CA SER B 67 -0.19 22.59 15.59
C SER B 67 -0.20 23.93 14.88
N ARG B 68 -0.38 23.92 13.56
CA ARG B 68 -0.40 25.15 12.76
C ARG B 68 -1.74 25.42 12.08
N PHE B 69 -2.53 24.39 11.81
CA PHE B 69 -3.80 24.56 11.12
C PHE B 69 -4.88 23.73 11.79
N ASP B 70 -6.10 24.27 11.79
CA ASP B 70 -7.26 23.60 12.36
C ASP B 70 -8.35 23.54 11.30
N LYS B 71 -9.31 22.63 11.50
CA LYS B 71 -10.41 22.50 10.56
C LYS B 71 -11.22 23.80 10.51
N ASN B 72 -11.46 24.28 9.30
CA ASN B 72 -12.30 25.43 9.04
C ASN B 72 -13.63 24.96 8.46
N LEU B 73 -14.70 25.67 8.80
CA LEU B 73 -16.00 25.41 8.20
C LEU B 73 -16.07 26.13 6.87
N SER B 74 -15.97 25.36 5.78
CA SER B 74 -16.10 25.91 4.44
C SER B 74 -17.50 26.51 4.27
N GLN B 75 -17.65 27.30 3.20
CA GLN B 75 -18.93 27.92 2.91
C GLN B 75 -20.02 26.87 2.68
N ALA B 76 -19.65 25.70 2.16
CA ALA B 76 -20.62 24.62 2.01
C ALA B 76 -21.04 24.07 3.36
N LEU B 77 -20.09 23.87 4.28
CA LEU B 77 -20.43 23.31 5.59
C LEU B 77 -21.22 24.29 6.43
N LYS B 78 -21.02 25.59 6.23
CA LYS B 78 -21.82 26.58 6.95
C LYS B 78 -23.29 26.51 6.54
N PHE B 79 -23.56 26.22 5.27
CA PHE B 79 -24.94 26.08 4.81
C PHE B 79 -25.56 24.76 5.26
N VAL B 80 -24.75 23.71 5.36
CA VAL B 80 -25.25 22.44 5.88
C VAL B 80 -25.49 22.54 7.38
N ARG B 81 -24.72 23.40 8.08
CA ARG B 81 -24.88 23.59 9.51
C ARG B 81 -26.28 24.08 9.87
N ASP B 82 -27.00 24.70 8.93
CA ASP B 82 -28.34 25.18 9.23
C ASP B 82 -29.30 24.04 9.56
N PHE B 83 -28.96 22.81 9.21
CA PHE B 83 -29.72 21.64 9.63
C PHE B 83 -28.87 20.55 10.25
N ALA B 84 -27.56 20.54 10.03
CA ALA B 84 -26.68 19.62 10.73
C ALA B 84 -26.24 20.16 12.09
N GLY B 85 -26.48 21.44 12.36
CA GLY B 85 -26.20 22.06 13.64
C GLY B 85 -24.74 21.91 14.05
N ASP B 86 -24.52 21.81 15.36
CA ASP B 86 -23.19 21.56 15.91
C ASP B 86 -22.87 20.07 15.97
N GLY B 87 -23.33 19.30 14.99
CA GLY B 87 -22.89 17.93 14.84
C GLY B 87 -21.40 17.83 14.60
N LEU B 88 -20.91 16.59 14.59
CA LEU B 88 -19.47 16.35 14.51
C LEU B 88 -18.87 16.99 13.26
N ALA B 89 -19.59 16.96 12.15
CA ALA B 89 -19.01 17.39 10.88
C ALA B 89 -19.08 18.90 10.67
N THR B 90 -20.05 19.57 11.30
CA THR B 90 -20.27 20.99 11.08
C THR B 90 -20.02 21.82 12.34
N SER B 91 -19.25 21.30 13.27
CA SER B 91 -18.90 22.03 14.49
C SER B 91 -17.43 22.40 14.48
N TRP B 92 -17.12 23.49 15.18
CA TRP B 92 -15.75 23.93 15.36
C TRP B 92 -15.04 23.10 16.41
N THR B 93 -13.72 23.02 16.29
CA THR B 93 -12.95 22.25 17.27
C THR B 93 -13.06 22.83 18.66
N HIS B 94 -13.16 24.15 18.78
CA HIS B 94 -13.21 24.82 20.07
C HIS B 94 -14.59 24.82 20.69
N GLU B 95 -15.62 24.45 19.94
CA GLU B 95 -16.96 24.34 20.50
C GLU B 95 -17.04 23.16 21.46
N LYS B 96 -17.69 23.38 22.61
CA LYS B 96 -17.76 22.35 23.64
C LYS B 96 -18.42 21.08 23.15
N ASN B 97 -19.38 21.20 22.22
CA ASN B 97 -20.15 20.04 21.80
C ASN B 97 -19.40 19.11 20.85
N TRP B 98 -18.35 19.59 20.16
CA TRP B 98 -17.58 18.69 19.31
C TRP B 98 -16.79 17.69 20.15
N LYS B 99 -15.88 18.20 20.99
CA LYS B 99 -15.05 17.33 21.82
C LYS B 99 -15.91 16.43 22.71
N LYS B 100 -17.05 16.96 23.16
CA LYS B 100 -17.98 16.16 23.95
C LYS B 100 -18.52 14.98 23.16
N ALA B 101 -19.09 15.26 21.98
CA ALA B 101 -19.63 14.20 21.15
C ALA B 101 -18.53 13.33 20.54
N HIS B 102 -17.35 13.90 20.29
CA HIS B 102 -16.24 13.12 19.77
C HIS B 102 -15.81 12.05 20.76
N ASN B 103 -15.71 12.40 22.04
CA ASN B 103 -15.31 11.42 23.04
C ASN B 103 -16.38 10.36 23.26
N ILE B 104 -17.66 10.74 23.15
CA ILE B 104 -18.74 9.79 23.38
C ILE B 104 -18.88 8.83 22.20
N LEU B 105 -18.58 9.29 20.98
CA LEU B 105 -18.89 8.53 19.78
C LEU B 105 -17.69 7.77 19.23
N LEU B 106 -16.48 8.00 19.74
CA LEU B 106 -15.33 7.23 19.29
C LEU B 106 -15.46 5.73 19.57
N PRO B 107 -15.86 5.29 20.76
CA PRO B 107 -15.97 3.83 20.98
C PRO B 107 -16.99 3.16 20.09
N SER B 108 -18.07 3.85 19.73
CA SER B 108 -19.10 3.26 18.88
C SER B 108 -18.68 3.18 17.42
N PHE B 109 -17.55 3.77 17.04
CA PHE B 109 -17.07 3.73 15.66
C PHE B 109 -15.75 2.98 15.51
N SER B 110 -15.32 2.26 16.53
CA SER B 110 -14.05 1.55 16.46
C SER B 110 -14.14 0.35 15.53
N GLN B 111 -12.98 -0.20 15.18
CA GLN B 111 -12.96 -1.42 14.38
C GLN B 111 -13.52 -2.61 15.17
N GLN B 112 -13.35 -2.61 16.49
CA GLN B 112 -13.93 -3.65 17.32
C GLN B 112 -15.44 -3.47 17.50
N ALA B 113 -15.95 -2.25 17.31
CA ALA B 113 -17.38 -2.01 17.39
C ALA B 113 -18.10 -2.44 16.12
N MET B 114 -17.37 -2.65 15.02
CA MET B 114 -17.97 -3.15 13.80
C MET B 114 -18.48 -4.58 13.93
N LYS B 115 -18.00 -5.33 14.93
CA LYS B 115 -18.51 -6.67 15.17
C LYS B 115 -19.99 -6.64 15.54
N GLY B 116 -20.41 -5.61 16.30
CA GLY B 116 -21.82 -5.50 16.65
C GLY B 116 -22.70 -5.01 15.52
N TYR B 117 -22.14 -4.22 14.59
CA TYR B 117 -22.88 -3.73 13.44
C TYR B 117 -22.93 -4.72 12.30
N HIS B 118 -22.11 -5.78 12.35
CA HIS B 118 -21.95 -6.65 11.18
C HIS B 118 -23.26 -7.33 10.78
N ALA B 119 -24.01 -7.83 11.76
CA ALA B 119 -25.23 -8.58 11.45
C ALA B 119 -26.26 -7.71 10.74
N MET B 120 -26.39 -6.46 11.16
CA MET B 120 -27.35 -5.57 10.51
C MET B 120 -26.86 -5.14 9.13
N MET B 121 -25.54 -5.07 8.93
CA MET B 121 -25.01 -4.79 7.59
C MET B 121 -25.30 -5.95 6.65
N VAL B 122 -25.18 -7.19 7.13
CA VAL B 122 -25.49 -8.36 6.32
C VAL B 122 -26.98 -8.38 5.98
N ASP B 123 -27.83 -7.89 6.89
CA ASP B 123 -29.27 -7.82 6.62
C ASP B 123 -29.54 -7.03 5.34
N ILE B 124 -28.98 -5.82 5.25
CA ILE B 124 -29.21 -4.98 4.07
C ILE B 124 -28.46 -5.54 2.87
N ALA B 125 -27.27 -6.11 3.09
CA ALA B 125 -26.50 -6.65 1.98
C ALA B 125 -27.21 -7.83 1.33
N VAL B 126 -27.90 -8.65 2.13
CA VAL B 126 -28.66 -9.76 1.57
C VAL B 126 -29.82 -9.26 0.73
N GLN B 127 -30.48 -8.19 1.17
CA GLN B 127 -31.58 -7.62 0.41
C GLN B 127 -31.10 -7.12 -0.96
N LEU B 128 -29.89 -6.58 -1.02
CA LEU B 128 -29.33 -6.14 -2.29
C LEU B 128 -29.05 -7.33 -3.21
N VAL B 129 -28.45 -8.40 -2.65
CA VAL B 129 -28.14 -9.57 -3.45
C VAL B 129 -29.42 -10.26 -3.93
N GLN B 130 -30.48 -10.24 -3.10
CA GLN B 130 -31.72 -10.90 -3.47
C GLN B 130 -32.47 -10.12 -4.54
N LYS B 131 -32.40 -8.79 -4.49
CA LYS B 131 -33.02 -7.98 -5.54
C LYS B 131 -32.39 -8.25 -6.90
N TRP B 132 -31.06 -8.38 -6.94
CA TRP B 132 -30.37 -8.55 -8.22
C TRP B 132 -30.59 -9.95 -8.79
N GLU B 133 -30.71 -10.96 -7.92
CA GLU B 133 -30.98 -12.32 -8.37
C GLU B 133 -32.44 -12.54 -8.75
N ARG B 134 -33.33 -11.59 -8.42
CA ARG B 134 -34.72 -11.65 -8.82
C ARG B 134 -35.01 -10.82 -10.06
N LEU B 135 -33.98 -10.29 -10.72
CA LEU B 135 -34.17 -9.57 -11.97
C LEU B 135 -34.48 -10.54 -13.11
N ASN B 136 -35.17 -10.04 -14.12
CA ASN B 136 -35.45 -10.82 -15.31
C ASN B 136 -34.29 -10.71 -16.29
N ALA B 137 -34.32 -11.56 -17.32
CA ALA B 137 -33.30 -11.51 -18.36
C ALA B 137 -33.31 -10.16 -19.05
N ASP B 138 -32.12 -9.67 -19.40
CA ASP B 138 -31.88 -8.41 -20.11
C ASP B 138 -32.25 -7.19 -19.28
N GLU B 139 -32.72 -7.36 -18.04
CA GLU B 139 -32.90 -6.22 -17.16
C GLU B 139 -31.55 -5.78 -16.61
N HIS B 140 -31.40 -4.47 -16.41
CA HIS B 140 -30.14 -3.91 -15.95
C HIS B 140 -30.30 -3.32 -14.56
N ILE B 141 -29.16 -3.02 -13.94
CA ILE B 141 -29.11 -2.48 -12.58
C ILE B 141 -28.75 -1.00 -12.66
N GLU B 142 -29.49 -0.19 -11.93
CA GLU B 142 -29.14 1.22 -11.74
C GLU B 142 -28.20 1.30 -10.54
N VAL B 143 -26.90 1.33 -10.80
CA VAL B 143 -25.88 1.11 -9.78
C VAL B 143 -25.95 2.17 -8.68
N PRO B 144 -25.80 3.48 -8.97
CA PRO B 144 -25.82 4.45 -7.86
C PRO B 144 -27.14 4.46 -7.10
N GLU B 145 -28.26 4.19 -7.78
CA GLU B 145 -29.54 4.15 -7.08
C GLU B 145 -29.63 2.97 -6.13
N ASP B 146 -29.11 1.80 -6.54
CA ASP B 146 -29.15 0.64 -5.66
C ASP B 146 -28.10 0.72 -4.55
N MET B 147 -26.94 1.33 -4.82
CA MET B 147 -25.95 1.50 -3.77
C MET B 147 -26.43 2.49 -2.71
N THR B 148 -27.21 3.49 -3.11
CA THR B 148 -27.75 4.44 -2.15
C THR B 148 -28.83 3.77 -1.30
N ARG B 149 -29.62 2.89 -1.89
CA ARG B 149 -30.60 2.11 -1.13
C ARG B 149 -29.93 1.29 -0.03
N LEU B 150 -28.78 0.70 -0.34
CA LEU B 150 -28.11 -0.16 0.64
C LEU B 150 -27.46 0.65 1.75
N THR B 151 -26.71 1.68 1.36
CA THR B 151 -25.97 2.54 2.33
C THR B 151 -26.96 3.25 3.26
N LEU B 152 -28.06 3.77 2.73
CA LEU B 152 -29.04 4.49 3.55
C LEU B 152 -29.74 3.55 4.52
N ASP B 153 -30.14 2.36 4.05
CA ASP B 153 -30.73 1.38 4.95
C ASP B 153 -29.72 0.88 5.97
N THR B 154 -28.43 0.79 5.59
CA THR B 154 -27.42 0.30 6.52
C THR B 154 -27.24 1.26 7.69
N ILE B 155 -27.10 2.56 7.41
CA ILE B 155 -26.91 3.52 8.48
C ILE B 155 -28.19 3.69 9.28
N GLY B 156 -29.35 3.55 8.63
CA GLY B 156 -30.61 3.61 9.36
C GLY B 156 -30.77 2.43 10.29
N LEU B 157 -30.43 1.22 9.83
CA LEU B 157 -30.55 0.04 10.67
C LEU B 157 -29.46 0.00 11.73
N CYS B 158 -28.22 0.34 11.36
CA CYS B 158 -27.11 0.31 12.31
C CYS B 158 -27.08 1.51 13.23
N GLY B 159 -27.57 2.66 12.75
CA GLY B 159 -27.48 3.88 13.54
C GLY B 159 -28.66 4.16 14.44
N PHE B 160 -29.87 3.81 13.99
CA PHE B 160 -31.07 4.13 14.77
C PHE B 160 -32.05 2.97 14.85
N ASN B 161 -31.68 1.77 14.41
CA ASN B 161 -32.58 0.61 14.39
C ASN B 161 -33.88 0.93 13.67
N TYR B 162 -33.79 1.78 12.64
CA TYR B 162 -34.93 2.19 11.84
C TYR B 162 -34.77 1.65 10.43
N ARG B 163 -35.85 1.16 9.84
CA ARG B 163 -35.82 0.53 8.53
C ARG B 163 -36.48 1.47 7.53
N PHE B 164 -35.65 2.13 6.71
CA PHE B 164 -36.17 2.91 5.60
C PHE B 164 -36.82 2.04 4.54
N ASN B 165 -36.43 0.77 4.46
CA ASN B 165 -36.97 -0.18 3.50
C ASN B 165 -36.88 0.37 2.08
N SER B 166 -35.68 0.82 1.72
CA SER B 166 -35.48 1.45 0.42
C SER B 166 -35.68 0.47 -0.72
N PHE B 167 -35.45 -0.82 -0.48
CA PHE B 167 -35.64 -1.82 -1.51
C PHE B 167 -37.11 -2.13 -1.78
N TYR B 168 -38.02 -1.54 -1.02
CA TYR B 168 -39.46 -1.65 -1.27
C TYR B 168 -40.02 -0.41 -1.95
N ARG B 169 -39.17 0.50 -2.40
CA ARG B 169 -39.58 1.79 -2.92
C ARG B 169 -38.92 2.07 -4.27
N ASP B 170 -39.60 2.89 -5.06
CA ASP B 170 -39.00 3.59 -6.19
C ASP B 170 -38.85 5.08 -5.93
N GLN B 171 -39.80 5.68 -5.19
CA GLN B 171 -39.74 7.05 -4.71
C GLN B 171 -39.12 7.07 -3.33
N PRO B 172 -38.17 7.97 -3.08
CA PRO B 172 -37.39 7.90 -1.83
C PRO B 172 -38.24 8.21 -0.60
N HIS B 173 -37.60 8.03 0.55
CA HIS B 173 -38.26 8.22 1.83
C HIS B 173 -38.65 9.70 2.00
N PRO B 174 -39.76 9.99 2.68
CA PRO B 174 -40.12 11.39 2.93
C PRO B 174 -39.07 12.16 3.68
N PHE B 175 -38.23 11.48 4.47
CA PHE B 175 -37.16 12.16 5.19
C PHE B 175 -36.08 12.67 4.23
N ILE B 176 -35.58 11.79 3.36
CA ILE B 176 -34.47 12.19 2.49
C ILE B 176 -34.92 13.05 1.33
N THR B 177 -36.22 13.04 0.99
CA THR B 177 -36.75 14.03 0.03
C THR B 177 -36.47 15.44 0.54
N SER B 178 -36.77 15.68 1.81
CA SER B 178 -36.40 16.97 2.41
C SER B 178 -34.90 17.09 2.57
N MET B 179 -34.21 15.99 2.85
CA MET B 179 -32.77 16.08 3.10
C MET B 179 -32.01 16.40 1.82
N VAL B 180 -32.22 15.58 0.77
CA VAL B 180 -31.51 15.80 -0.49
C VAL B 180 -31.85 17.15 -1.07
N ARG B 181 -33.07 17.62 -0.87
CA ARG B 181 -33.43 18.95 -1.31
C ARG B 181 -32.77 20.02 -0.48
N ALA B 182 -32.57 19.77 0.83
CA ALA B 182 -31.83 20.72 1.65
C ALA B 182 -30.34 20.75 1.29
N LEU B 183 -29.77 19.61 0.92
CA LEU B 183 -28.41 19.60 0.42
C LEU B 183 -28.28 20.32 -0.92
N ASP B 184 -29.28 20.17 -1.80
CA ASP B 184 -29.26 20.86 -3.08
C ASP B 184 -29.32 22.37 -2.91
N GLU B 185 -30.26 22.86 -2.09
CA GLU B 185 -30.35 24.30 -1.83
C GLU B 185 -29.07 24.84 -1.20
N ALA B 186 -28.48 24.07 -0.28
CA ALA B 186 -27.24 24.51 0.35
C ALA B 186 -26.12 24.62 -0.67
N MET B 187 -26.07 23.70 -1.64
CA MET B 187 -25.06 23.80 -2.69
C MET B 187 -25.38 24.96 -3.64
N ASN B 188 -26.65 25.22 -3.89
CA ASN B 188 -27.02 26.30 -4.79
C ASN B 188 -26.78 27.67 -4.16
N LYS B 189 -26.69 27.75 -2.83
CA LYS B 189 -26.29 28.98 -2.18
C LYS B 189 -24.81 29.29 -2.40
N LEU B 190 -24.03 28.29 -2.80
CA LEU B 190 -22.58 28.47 -2.93
C LEU B 190 -22.24 29.51 -3.98
N GLN B 191 -23.02 29.60 -5.06
CA GLN B 191 -22.73 30.54 -6.13
C GLN B 191 -23.80 31.64 -6.25
N ARG B 192 -24.10 32.30 -5.14
CA ARG B 192 -25.08 33.39 -5.13
C ARG B 192 -24.41 34.69 -4.70
N ALA B 193 -24.93 35.79 -5.25
CA ALA B 193 -24.52 37.16 -4.90
C ALA B 193 -23.00 37.33 -4.81
N PRO B 198 -35.85 38.59 -3.03
CA PRO B 198 -37.28 38.34 -3.29
C PRO B 198 -37.48 37.16 -4.22
N ALA B 199 -36.58 37.00 -5.20
CA ALA B 199 -36.69 35.91 -6.16
C ALA B 199 -36.57 34.55 -5.49
N TYR B 200 -35.73 34.43 -4.47
CA TYR B 200 -35.51 33.15 -3.78
C TYR B 200 -36.40 32.98 -2.56
N ASP B 201 -37.52 33.71 -2.47
CA ASP B 201 -38.39 33.58 -1.32
C ASP B 201 -38.95 32.16 -1.20
N GLU B 202 -39.33 31.55 -2.33
CA GLU B 202 -39.85 30.20 -2.31
C GLU B 202 -38.81 29.21 -1.81
N ASN B 203 -37.55 29.38 -2.21
CA ASN B 203 -36.48 28.51 -1.76
C ASN B 203 -36.39 28.50 -0.23
N LYS B 204 -36.45 29.67 0.39
CA LYS B 204 -36.34 29.74 1.85
C LYS B 204 -37.54 29.12 2.54
N ARG B 205 -38.74 29.31 1.99
CA ARG B 205 -39.93 28.67 2.55
C ARG B 205 -39.81 27.16 2.47
N GLN B 206 -39.28 26.65 1.36
CA GLN B 206 -39.08 25.21 1.23
C GLN B 206 -37.95 24.72 2.12
N PHE B 207 -36.92 25.55 2.34
CA PHE B 207 -35.77 25.12 3.14
C PHE B 207 -36.16 24.87 4.59
N GLN B 208 -36.86 25.82 5.21
CA GLN B 208 -37.31 25.61 6.59
C GLN B 208 -38.39 24.55 6.67
N GLU B 209 -39.19 24.38 5.61
CA GLU B 209 -40.15 23.28 5.60
C GLU B 209 -39.46 21.93 5.51
N ASP B 210 -38.32 21.88 4.81
CA ASP B 210 -37.54 20.65 4.73
C ASP B 210 -36.76 20.38 6.02
N ILE B 211 -36.31 21.44 6.70
CA ILE B 211 -35.60 21.26 7.96
C ILE B 211 -36.53 20.69 9.02
N LYS B 212 -37.77 21.19 9.07
CA LYS B 212 -38.74 20.71 10.06
C LYS B 212 -39.09 19.24 9.82
N VAL B 213 -39.10 18.80 8.56
CA VAL B 213 -39.37 17.39 8.26
C VAL B 213 -38.29 16.51 8.85
N MET B 214 -37.03 16.93 8.74
CA MET B 214 -35.93 16.14 9.29
C MET B 214 -35.93 16.18 10.81
N ASN B 215 -36.18 17.37 11.38
CA ASN B 215 -36.15 17.51 12.83
C ASN B 215 -37.29 16.74 13.49
N ASP B 216 -38.49 16.78 12.91
CA ASP B 216 -39.64 16.12 13.53
C ASP B 216 -39.49 14.61 13.52
N LEU B 217 -38.97 14.05 12.42
CA LEU B 217 -38.77 12.60 12.38
C LEU B 217 -37.73 12.15 13.39
N VAL B 218 -36.57 12.81 13.42
CA VAL B 218 -35.50 12.41 14.33
C VAL B 218 -35.93 12.63 15.77
N ASP B 219 -36.53 13.78 16.07
CA ASP B 219 -36.96 14.05 17.44
C ASP B 219 -38.06 13.10 17.87
N LYS B 220 -38.90 12.65 16.94
CA LYS B 220 -39.90 11.64 17.28
C LYS B 220 -39.23 10.29 17.52
N ILE B 221 -38.22 9.97 16.72
CA ILE B 221 -37.50 8.71 16.89
C ILE B 221 -36.71 8.72 18.19
N ILE B 222 -36.09 9.86 18.52
CA ILE B 222 -35.37 9.96 19.80
C ILE B 222 -36.35 9.85 20.96
N ALA B 223 -37.49 10.54 20.89
CA ALA B 223 -38.47 10.49 21.97
C ALA B 223 -39.13 9.12 22.05
N ASP B 224 -39.29 8.44 20.92
CA ASP B 224 -39.86 7.09 20.94
C ASP B 224 -38.90 6.12 21.63
N ARG B 225 -37.62 6.16 21.26
CA ARG B 225 -36.64 5.29 21.89
C ARG B 225 -36.56 5.53 23.40
N LYS B 226 -36.52 6.79 23.82
CA LYS B 226 -36.48 7.12 25.24
C LYS B 226 -37.83 6.85 25.89
N SER B 228 -39.47 3.94 25.94
CA SER B 228 -39.54 2.49 26.10
C SER B 228 -38.38 2.00 26.96
N GLY B 229 -37.28 2.75 26.93
CA GLY B 229 -36.06 2.32 27.58
C GLY B 229 -35.36 1.16 26.93
N GLU B 230 -35.80 0.76 25.73
CA GLU B 230 -35.23 -0.39 25.06
C GLU B 230 -33.79 -0.13 24.62
N GLN B 231 -32.96 -1.15 24.72
CA GLN B 231 -31.56 -1.07 24.30
C GLN B 231 -31.37 -1.80 22.97
N SER B 232 -30.21 -1.54 22.35
CA SER B 232 -29.86 -2.15 21.07
C SER B 232 -28.37 -1.97 20.86
N ASP B 233 -27.88 -2.45 19.71
CA ASP B 233 -26.49 -2.26 19.33
C ASP B 233 -26.40 -1.21 18.22
N ASP B 234 -26.91 -0.01 18.50
CA ASP B 234 -26.95 1.07 17.52
C ASP B 234 -26.31 2.33 18.11
N LEU B 235 -26.02 3.27 17.22
CA LEU B 235 -25.47 4.56 17.64
C LEU B 235 -26.42 5.28 18.59
N LEU B 236 -27.73 5.06 18.42
CA LEU B 236 -28.73 5.79 19.19
C LEU B 236 -28.62 5.50 20.69
N THR B 237 -28.45 4.21 21.05
CA THR B 237 -28.39 3.85 22.46
C THR B 237 -27.16 4.44 23.15
N HIS B 238 -26.02 4.43 22.46
CA HIS B 238 -24.80 4.97 23.05
C HIS B 238 -24.87 6.47 23.32
N MET B 239 -25.73 7.19 22.60
CA MET B 239 -25.82 8.64 22.79
C MET B 239 -26.78 9.01 23.92
N LEU B 240 -27.76 8.17 24.23
CA LEU B 240 -28.66 8.45 25.35
C LEU B 240 -28.04 8.09 26.68
N ASN B 241 -27.21 7.04 26.72
CA ASN B 241 -26.63 6.56 27.96
C ASN B 241 -25.14 6.81 28.08
N GLY B 242 -24.48 7.24 27.01
CA GLY B 242 -23.06 7.52 27.07
C GLY B 242 -22.79 8.90 27.63
N LYS B 243 -21.75 8.99 28.46
CA LYS B 243 -21.34 10.25 29.07
C LYS B 243 -19.89 10.54 28.71
N ASP B 244 -19.62 11.80 28.38
CA ASP B 244 -18.28 12.22 28.04
C ASP B 244 -17.40 12.10 29.28
N PRO B 245 -16.29 11.36 29.23
CA PRO B 245 -15.43 11.25 30.43
C PRO B 245 -14.86 12.58 30.87
N GLU B 246 -14.59 13.50 29.95
CA GLU B 246 -13.98 14.78 30.30
C GLU B 246 -14.92 15.62 31.16
N THR B 247 -16.09 15.96 30.61
CA THR B 247 -17.03 16.82 31.33
C THR B 247 -17.98 16.05 32.23
N GLY B 248 -18.11 14.74 32.03
CA GLY B 248 -19.02 13.93 32.81
C GLY B 248 -20.45 13.96 32.33
N GLU B 249 -20.78 14.82 31.36
CA GLU B 249 -22.10 15.13 30.85
C GLU B 249 -22.46 14.25 29.66
N PRO B 250 -23.76 13.97 29.50
CA PRO B 250 -24.22 13.32 28.27
C PRO B 250 -24.70 14.33 27.24
N LEU B 251 -24.78 13.93 25.99
CA LEU B 251 -25.32 14.82 24.95
C LEU B 251 -26.78 15.12 25.24
N ASP B 252 -27.16 16.39 25.06
CA ASP B 252 -28.55 16.77 25.23
C ASP B 252 -29.37 16.37 24.00
N ASP B 253 -30.69 16.55 24.10
CA ASP B 253 -31.58 16.01 23.08
C ASP B 253 -31.40 16.71 21.74
N GLU B 254 -31.07 18.00 21.76
CA GLU B 254 -30.86 18.73 20.51
C GLU B 254 -29.62 18.23 19.77
N ASN B 255 -28.53 17.99 20.50
CA ASN B 255 -27.29 17.58 19.84
C ASN B 255 -27.41 16.19 19.23
N ILE B 256 -28.04 15.26 19.94
CA ILE B 256 -28.21 13.91 19.41
C ILE B 256 -29.02 13.93 18.12
N ARG B 257 -29.99 14.84 18.02
CA ARG B 257 -30.73 14.99 16.77
C ARG B 257 -29.80 15.42 15.63
N TYR B 258 -28.88 16.34 15.91
CA TYR B 258 -27.95 16.79 14.87
C TYR B 258 -26.97 15.70 14.48
N GLN B 259 -26.57 14.84 15.42
CA GLN B 259 -25.68 13.75 15.07
C GLN B 259 -26.37 12.74 14.17
N ILE B 260 -27.66 12.47 14.42
CA ILE B 260 -28.40 11.52 13.60
C ILE B 260 -28.56 12.05 12.19
N ILE B 261 -28.94 13.33 12.06
CA ILE B 261 -28.99 13.96 10.74
C ILE B 261 -27.62 13.93 10.08
N THR B 262 -26.56 14.19 10.86
CA THR B 262 -25.21 14.15 10.31
C THR B 262 -24.87 12.75 9.81
N PHE B 263 -25.14 11.72 10.62
CA PHE B 263 -24.80 10.36 10.23
C PHE B 263 -25.62 9.89 9.04
N LEU B 264 -26.83 10.41 8.88
CA LEU B 264 -27.66 10.04 7.73
C LEU B 264 -27.17 10.70 6.46
N ILE B 265 -26.71 11.95 6.54
CA ILE B 265 -26.13 12.61 5.38
C ILE B 265 -24.81 11.95 5.03
N ALA B 266 -23.84 11.99 5.94
CA ALA B 266 -22.54 11.38 5.73
C ALA B 266 -22.64 9.88 5.43
N GLY B 267 -23.82 9.29 5.55
CA GLY B 267 -24.04 7.88 5.34
C GLY B 267 -24.39 7.48 3.91
N HIS B 268 -25.53 7.94 3.40
CA HIS B 268 -26.18 7.27 2.28
C HIS B 268 -25.41 7.32 0.96
N GLU B 269 -25.25 8.49 0.34
CA GLU B 269 -24.72 8.48 -1.02
C GLU B 269 -23.23 8.78 -1.12
N VAL B 270 -22.65 9.44 -0.11
CA VAL B 270 -21.20 9.60 -0.08
C VAL B 270 -20.51 8.25 0.06
N THR B 271 -21.08 7.36 0.87
CA THR B 271 -20.54 6.01 0.97
C THR B 271 -20.90 5.20 -0.27
N SER B 272 -22.13 5.37 -0.79
CA SER B 272 -22.55 4.64 -1.97
C SER B 272 -21.77 5.08 -3.20
N GLY B 273 -21.29 6.33 -3.22
CA GLY B 273 -20.45 6.78 -4.31
C GLY B 273 -19.19 5.94 -4.42
N LEU B 274 -18.60 5.56 -3.28
CA LEU B 274 -17.43 4.68 -3.30
C LEU B 274 -17.77 3.35 -3.95
N LEU B 275 -18.90 2.76 -3.58
CA LEU B 275 -19.32 1.49 -4.19
C LEU B 275 -19.61 1.66 -5.67
N SER B 276 -20.26 2.77 -6.04
CA SER B 276 -20.56 3.01 -7.46
C SER B 276 -19.28 3.21 -8.26
N PHE B 277 -18.34 4.00 -7.74
CA PHE B 277 -17.06 4.17 -8.43
C PHE B 277 -16.26 2.87 -8.45
N ALA B 278 -16.32 2.09 -7.36
CA ALA B 278 -15.59 0.83 -7.31
C ALA B 278 -16.11 -0.13 -8.39
N LEU B 279 -17.43 -0.26 -8.50
CA LEU B 279 -18.00 -1.14 -9.52
C LEU B 279 -17.71 -0.63 -10.92
N TYR B 280 -17.73 0.69 -11.11
CA TYR B 280 -17.39 1.27 -12.40
C TYR B 280 -15.97 0.91 -12.80
N PHE B 281 -15.01 1.16 -11.91
CA PHE B 281 -13.61 0.86 -12.22
C PHE B 281 -13.36 -0.64 -12.34
N LEU B 282 -14.18 -1.46 -11.68
CA LEU B 282 -14.03 -2.91 -11.82
C LEU B 282 -14.43 -3.37 -13.21
N VAL B 283 -15.60 -2.92 -13.69
CA VAL B 283 -16.08 -3.34 -15.01
C VAL B 283 -15.31 -2.69 -16.15
N LYS B 284 -14.54 -1.63 -15.87
CA LYS B 284 -13.68 -1.04 -16.87
C LYS B 284 -12.28 -1.65 -16.89
N ASN B 285 -11.96 -2.52 -15.93
CA ASN B 285 -10.65 -3.18 -15.87
C ASN B 285 -10.88 -4.65 -15.57
N PRO B 286 -11.10 -5.47 -16.60
CA PRO B 286 -11.46 -6.88 -16.37
C PRO B 286 -10.41 -7.68 -15.63
N HIS B 287 -9.12 -7.31 -15.75
CA HIS B 287 -8.09 -8.01 -14.99
C HIS B 287 -8.26 -7.80 -13.48
N VAL B 288 -8.51 -6.56 -13.08
CA VAL B 288 -8.77 -6.27 -11.67
C VAL B 288 -10.06 -6.93 -11.21
N LEU B 289 -11.09 -6.93 -12.06
CA LEU B 289 -12.36 -7.54 -11.70
C LEU B 289 -12.21 -9.02 -11.37
N GLN B 290 -11.50 -9.76 -12.23
CA GLN B 290 -11.34 -11.20 -11.99
C GLN B 290 -10.50 -11.47 -10.76
N LYS B 291 -9.47 -10.65 -10.53
CA LYS B 291 -8.62 -10.84 -9.37
C LYS B 291 -9.38 -10.57 -8.07
N ALA B 292 -10.29 -9.59 -8.08
CA ALA B 292 -11.11 -9.32 -6.91
C ALA B 292 -12.23 -10.34 -6.78
N ALA B 293 -12.78 -10.80 -7.90
CA ALA B 293 -13.78 -11.86 -7.85
C ALA B 293 -13.18 -13.17 -7.36
N GLU B 294 -11.92 -13.42 -7.69
CA GLU B 294 -11.26 -14.63 -7.20
C GLU B 294 -11.13 -14.62 -5.68
N GLU B 295 -10.78 -13.46 -5.11
CA GLU B 295 -10.63 -13.37 -3.66
C GLU B 295 -11.97 -13.54 -2.95
N ALA B 296 -13.04 -12.98 -3.52
CA ALA B 296 -14.36 -13.12 -2.93
C ALA B 296 -14.79 -14.60 -2.88
N ALA B 297 -14.45 -15.36 -3.92
CA ALA B 297 -14.84 -16.77 -3.94
C ALA B 297 -14.01 -17.61 -2.97
N ARG B 298 -12.72 -17.30 -2.82
CA ARG B 298 -11.87 -18.09 -1.95
C ARG B 298 -12.05 -17.78 -0.48
N VAL B 299 -12.52 -16.58 -0.15
CA VAL B 299 -12.67 -16.16 1.25
C VAL B 299 -14.08 -16.36 1.75
N LEU B 300 -15.08 -15.88 1.01
CA LEU B 300 -16.48 -15.95 1.44
C LEU B 300 -16.99 -17.35 1.15
N VAL B 301 -16.63 -18.29 2.04
CA VAL B 301 -17.01 -19.70 1.85
C VAL B 301 -18.34 -20.05 2.48
N ASP B 302 -18.96 -19.15 3.23
CA ASP B 302 -20.22 -19.39 3.91
C ASP B 302 -21.36 -18.66 3.21
N PRO B 303 -22.61 -19.12 3.39
CA PRO B 303 -23.74 -18.39 2.82
C PRO B 303 -23.89 -16.99 3.37
N VAL B 304 -23.47 -16.76 4.61
CA VAL B 304 -23.47 -15.44 5.23
C VAL B 304 -22.03 -15.11 5.61
N PRO B 305 -21.45 -14.02 5.12
CA PRO B 305 -20.07 -13.69 5.49
C PRO B 305 -19.98 -13.28 6.96
N SER B 306 -18.90 -13.71 7.61
CA SER B 306 -18.62 -13.35 8.98
C SER B 306 -17.76 -12.07 9.03
N TYR B 307 -17.60 -11.54 10.25
CA TYR B 307 -16.75 -10.38 10.43
C TYR B 307 -15.30 -10.68 10.06
N LYS B 308 -14.80 -11.85 10.47
CA LYS B 308 -13.43 -12.22 10.14
C LYS B 308 -13.24 -12.37 8.63
N GLN B 309 -14.22 -12.95 7.95
CA GLN B 309 -14.09 -13.17 6.52
C GLN B 309 -14.01 -11.84 5.76
N VAL B 310 -14.74 -10.83 6.22
CA VAL B 310 -14.67 -9.52 5.58
C VAL B 310 -13.27 -8.93 5.73
N LYS B 311 -12.67 -9.07 6.91
CA LYS B 311 -11.32 -8.58 7.14
C LYS B 311 -10.29 -9.29 6.28
N GLN B 312 -10.62 -10.48 5.77
CA GLN B 312 -9.69 -11.23 4.92
C GLN B 312 -9.74 -10.80 3.47
N LEU B 313 -10.69 -9.92 3.09
CA LEU B 313 -10.80 -9.41 1.73
C LEU B 313 -9.83 -8.25 1.53
N LYS B 314 -8.54 -8.59 1.48
CA LYS B 314 -7.52 -7.55 1.36
C LYS B 314 -7.58 -6.85 0.02
N TYR B 315 -7.70 -7.63 -1.07
CA TYR B 315 -7.68 -7.03 -2.40
C TYR B 315 -8.93 -6.21 -2.67
N VAL B 316 -10.08 -6.62 -2.11
CA VAL B 316 -11.28 -5.80 -2.22
C VAL B 316 -11.07 -4.45 -1.55
N GLY B 317 -10.39 -4.44 -0.40
CA GLY B 317 -10.04 -3.18 0.24
C GLY B 317 -9.08 -2.36 -0.60
N MET B 318 -8.16 -3.03 -1.29
CA MET B 318 -7.27 -2.32 -2.22
C MET B 318 -8.06 -1.70 -3.35
N VAL B 319 -9.09 -2.40 -3.85
CA VAL B 319 -9.96 -1.84 -4.88
C VAL B 319 -10.71 -0.63 -4.32
N LEU B 320 -11.20 -0.72 -3.09
CA LEU B 320 -11.91 0.40 -2.48
C LEU B 320 -10.98 1.59 -2.24
N ASN B 321 -9.73 1.31 -1.87
CA ASN B 321 -8.79 2.40 -1.62
C ASN B 321 -8.36 3.08 -2.92
N GLU B 322 -8.25 2.34 -4.01
CA GLU B 322 -7.86 2.95 -5.28
C GLU B 322 -9.02 3.74 -5.87
N ALA B 323 -10.25 3.27 -5.70
CA ALA B 323 -11.40 4.04 -6.13
C ALA B 323 -11.54 5.34 -5.33
N LEU B 324 -11.17 5.31 -4.05
CA LEU B 324 -11.15 6.54 -3.26
C LEU B 324 -10.03 7.47 -3.71
N ARG B 325 -8.95 6.91 -4.25
CA ARG B 325 -7.86 7.75 -4.76
C ARG B 325 -8.31 8.58 -5.95
N LEU B 326 -8.83 7.91 -6.98
CA LEU B 326 -9.21 8.63 -8.20
C LEU B 326 -10.40 9.55 -7.96
N TRP B 327 -11.43 9.07 -7.27
CA TRP B 327 -12.65 9.85 -7.03
C TRP B 327 -13.08 9.74 -5.58
N PRO B 328 -12.45 10.50 -4.69
CA PRO B 328 -12.93 10.57 -3.31
C PRO B 328 -14.29 11.26 -3.26
N THR B 329 -15.27 10.62 -2.61
CA THR B 329 -16.63 11.11 -2.64
C THR B 329 -16.85 12.30 -1.71
N ALA B 330 -15.97 12.51 -0.74
CA ALA B 330 -15.92 13.77 0.00
C ALA B 330 -14.72 14.54 -0.52
N PRO B 331 -14.89 15.32 -1.60
CA PRO B 331 -13.73 15.71 -2.42
C PRO B 331 -12.80 16.74 -1.79
N ALA B 332 -13.14 17.35 -0.66
CA ALA B 332 -12.24 18.33 -0.07
C ALA B 332 -12.67 18.64 1.36
N PHE B 333 -11.73 19.22 2.10
CA PHE B 333 -11.99 19.75 3.43
C PHE B 333 -11.25 21.07 3.58
N SER B 334 -11.63 21.84 4.60
CA SER B 334 -11.14 23.20 4.77
C SER B 334 -10.31 23.32 6.05
N LEU B 335 -9.31 24.20 5.99
CA LEU B 335 -8.43 24.47 7.11
C LEU B 335 -8.19 25.96 7.21
N TYR B 336 -7.88 26.42 8.43
CA TYR B 336 -7.51 27.81 8.65
C TYR B 336 -6.23 27.87 9.48
N ALA B 337 -5.43 28.90 9.22
CA ALA B 337 -4.17 29.08 9.92
C ALA B 337 -4.41 29.52 11.36
N LYS B 338 -3.87 28.75 12.30
CA LYS B 338 -4.01 29.10 13.71
C LYS B 338 -3.22 30.36 14.05
N GLU B 339 -2.04 30.53 13.44
CA GLU B 339 -1.19 31.68 13.67
C GLU B 339 -0.57 32.10 12.34
N ASP B 340 0.13 33.24 12.37
CA ASP B 340 0.91 33.65 11.22
C ASP B 340 1.96 32.60 10.90
N THR B 341 1.97 32.12 9.66
CA THR B 341 2.89 31.07 9.25
C THR B 341 3.22 31.23 7.78
N VAL B 342 4.22 30.48 7.33
CA VAL B 342 4.64 30.46 5.94
C VAL B 342 4.41 29.04 5.42
N LEU B 343 3.70 28.95 4.29
CA LEU B 343 3.36 27.66 3.69
C LEU B 343 4.34 27.35 2.58
N GLY B 344 5.04 26.22 2.71
CA GLY B 344 6.00 25.82 1.71
C GLY B 344 7.24 26.68 1.63
N GLY B 345 7.46 27.55 2.60
CA GLY B 345 8.62 28.42 2.59
C GLY B 345 8.56 29.58 1.63
N GLU B 346 7.40 29.85 1.04
CA GLU B 346 7.30 30.88 0.01
C GLU B 346 5.94 31.56 -0.01
N TYR B 347 4.94 30.96 0.63
CA TYR B 347 3.59 31.51 0.68
C TYR B 347 3.25 31.91 2.10
N PRO B 348 3.49 33.16 2.49
CA PRO B 348 3.15 33.58 3.85
C PRO B 348 1.65 33.68 4.06
N LEU B 349 1.19 33.14 5.18
CA LEU B 349 -0.22 33.15 5.53
C LEU B 349 -0.43 33.89 6.84
N GLU B 350 -1.49 34.70 6.88
CA GLU B 350 -1.85 35.40 8.09
C GLU B 350 -2.79 34.54 8.93
N LYS B 351 -2.88 34.87 10.22
CA LYS B 351 -3.77 34.15 11.12
C LYS B 351 -5.21 34.24 10.63
N GLY B 352 -5.88 33.09 10.58
CA GLY B 352 -7.25 33.04 10.11
C GLY B 352 -7.39 32.78 8.63
N ASP B 353 -6.32 32.87 7.85
CA ASP B 353 -6.40 32.58 6.42
C ASP B 353 -6.80 31.14 6.20
N GLU B 354 -7.60 30.91 5.17
CA GLU B 354 -8.20 29.62 4.91
C GLU B 354 -7.47 28.86 3.81
N LEU B 355 -7.55 27.53 3.87
CA LEU B 355 -6.99 26.66 2.85
C LEU B 355 -8.02 25.62 2.43
N MET B 356 -7.91 25.18 1.18
CA MET B 356 -8.70 24.08 0.64
C MET B 356 -7.77 22.95 0.21
N VAL B 357 -8.14 21.73 0.54
CA VAL B 357 -7.39 20.54 0.15
C VAL B 357 -8.19 19.85 -0.95
N LEU B 358 -7.82 20.09 -2.20
CA LEU B 358 -8.50 19.48 -3.34
C LEU B 358 -8.04 18.01 -3.41
N ILE B 359 -8.84 17.14 -2.80
CA ILE B 359 -8.40 15.75 -2.60
C ILE B 359 -8.18 15.00 -3.89
N PRO B 360 -9.04 15.08 -4.92
CA PRO B 360 -8.75 14.37 -6.17
C PRO B 360 -7.45 14.80 -6.82
N GLN B 361 -7.02 16.05 -6.62
CA GLN B 361 -5.74 16.48 -7.18
C GLN B 361 -4.57 15.98 -6.35
N LEU B 362 -4.69 16.04 -5.02
CA LEU B 362 -3.67 15.45 -4.15
C LEU B 362 -3.39 14.01 -4.52
N HIS B 363 -4.44 13.24 -4.78
CA HIS B 363 -4.30 11.84 -5.16
C HIS B 363 -3.82 11.66 -6.59
N ARG B 364 -3.57 12.74 -7.31
CA ARG B 364 -3.00 12.70 -8.65
C ARG B 364 -1.61 13.32 -8.69
N ASP B 365 -0.98 13.48 -7.53
CA ASP B 365 0.38 14.03 -7.46
C ASP B 365 1.35 13.05 -8.12
N LYS B 366 1.87 13.45 -9.29
CA LYS B 366 2.77 12.56 -10.02
C LYS B 366 4.08 12.33 -9.28
N THR B 367 4.48 13.28 -8.42
CA THR B 367 5.68 13.09 -7.61
C THR B 367 5.48 12.05 -6.52
N ILE B 368 4.25 11.63 -6.26
CA ILE B 368 3.94 10.62 -5.27
C ILE B 368 3.58 9.29 -5.92
N TRP B 369 2.72 9.31 -6.94
CA TRP B 369 2.18 8.10 -7.53
C TRP B 369 2.77 7.76 -8.89
N GLY B 370 3.64 8.60 -9.44
CA GLY B 370 4.22 8.33 -10.73
C GLY B 370 3.41 8.91 -11.88
N ASP B 371 3.77 8.46 -13.08
CA ASP B 371 3.09 8.94 -14.28
C ASP B 371 1.72 8.30 -14.51
N ASP B 372 1.48 7.12 -13.94
CA ASP B 372 0.22 6.41 -14.13
C ASP B 372 -0.83 6.76 -13.09
N VAL B 373 -1.00 8.04 -12.77
CA VAL B 373 -1.97 8.44 -11.76
C VAL B 373 -3.39 8.15 -12.22
N GLU B 374 -3.67 8.27 -13.51
CA GLU B 374 -5.03 8.13 -14.01
C GLU B 374 -5.46 6.68 -14.20
N GLU B 375 -4.57 5.71 -14.00
CA GLU B 375 -4.94 4.32 -14.15
C GLU B 375 -5.48 3.75 -12.85
N PHE B 376 -6.44 2.83 -12.97
CA PHE B 376 -7.04 2.17 -11.81
C PHE B 376 -6.18 0.95 -11.49
N ARG B 377 -5.20 1.15 -10.61
CA ARG B 377 -4.24 0.13 -10.23
C ARG B 377 -4.35 -0.12 -8.74
N PRO B 378 -5.19 -1.08 -8.31
CA PRO B 378 -5.30 -1.37 -6.87
C PRO B 378 -4.01 -1.85 -6.23
N GLU B 379 -3.06 -2.35 -7.03
CA GLU B 379 -1.79 -2.83 -6.50
C GLU B 379 -0.92 -1.72 -5.92
N ARG B 380 -1.34 -0.46 -6.01
CA ARG B 380 -0.62 0.60 -5.30
C ARG B 380 -0.72 0.41 -3.79
N PHE B 381 -1.77 -0.27 -3.33
CA PHE B 381 -2.07 -0.43 -1.91
C PHE B 381 -1.76 -1.85 -1.43
N GLU B 382 -0.84 -2.54 -2.11
CA GLU B 382 -0.43 -3.86 -1.65
C GLU B 382 0.17 -3.82 -0.26
N ASN B 383 0.91 -2.76 0.04
CA ASN B 383 1.53 -2.58 1.35
C ASN B 383 1.28 -1.15 1.79
N PRO B 384 0.47 -0.93 2.85
CA PRO B 384 0.14 0.45 3.27
C PRO B 384 1.34 1.26 3.75
N SER B 385 2.42 0.61 4.19
CA SER B 385 3.58 1.35 4.69
C SER B 385 4.37 2.03 3.58
N ALA B 386 4.18 1.62 2.32
CA ALA B 386 4.87 2.25 1.20
C ALA B 386 4.29 3.60 0.80
N ILE B 387 3.10 3.93 1.26
CA ILE B 387 2.45 5.19 0.87
C ILE B 387 3.01 6.33 1.73
N PRO B 388 3.45 7.43 1.12
CA PRO B 388 4.03 8.54 1.89
C PRO B 388 3.00 9.19 2.82
N GLN B 389 3.52 10.05 3.69
CA GLN B 389 2.69 10.72 4.68
C GLN B 389 1.83 11.80 4.04
N HIS B 390 0.53 11.80 4.36
CA HIS B 390 -0.41 12.81 3.90
C HIS B 390 -0.55 12.83 2.38
N ALA B 391 -0.27 11.68 1.74
CA ALA B 391 -0.46 11.56 0.30
C ALA B 391 -1.84 11.00 -0.06
N PHE B 392 -2.49 10.32 0.87
CA PHE B 392 -3.78 9.67 0.65
C PHE B 392 -4.70 10.11 1.79
N LYS B 393 -5.59 11.07 1.51
CA LYS B 393 -6.44 11.69 2.53
C LYS B 393 -7.91 11.67 2.11
N PRO B 394 -8.48 10.49 1.86
CA PRO B 394 -9.91 10.44 1.50
C PRO B 394 -10.85 10.63 2.68
N PHE B 395 -10.35 10.53 3.92
CA PHE B 395 -11.19 10.58 5.11
C PHE B 395 -10.85 11.75 6.02
N GLY B 396 -10.27 12.82 5.49
CA GLY B 396 -9.91 13.96 6.31
C GLY B 396 -8.54 13.83 6.92
N ASN B 397 -8.31 14.63 7.96
CA ASN B 397 -7.01 14.70 8.60
C ASN B 397 -7.15 14.87 10.11
N GLY B 398 -6.27 14.20 10.85
CA GLY B 398 -6.11 14.40 12.28
C GLY B 398 -7.35 14.05 13.06
N GLN B 399 -7.56 14.78 14.16
CA GLN B 399 -8.72 14.55 15.02
C GLN B 399 -10.03 14.91 14.34
N ARG B 400 -9.99 15.71 13.28
CA ARG B 400 -11.17 16.04 12.50
C ARG B 400 -11.38 15.09 11.32
N ALA B 401 -10.73 13.93 11.33
CA ALA B 401 -10.91 12.96 10.28
C ALA B 401 -12.27 12.25 10.40
N CYS B 402 -12.58 11.44 9.40
CA CYS B 402 -13.85 10.72 9.38
C CYS B 402 -13.91 9.73 10.53
N ILE B 403 -14.90 9.89 11.40
CA ILE B 403 -15.06 8.96 12.51
C ILE B 403 -15.68 7.66 12.04
N GLY B 404 -16.46 7.68 10.95
CA GLY B 404 -17.09 6.48 10.46
C GLY B 404 -16.30 5.78 9.38
N GLN B 405 -14.99 6.03 9.32
CA GLN B 405 -14.15 5.44 8.29
C GLN B 405 -14.22 3.92 8.32
N GLN B 406 -14.11 3.33 9.52
CA GLN B 406 -14.21 1.88 9.63
C GLN B 406 -15.63 1.39 9.34
N PHE B 407 -16.64 2.21 9.63
CA PHE B 407 -18.01 1.85 9.28
C PHE B 407 -18.18 1.78 7.77
N ALA B 408 -17.71 2.81 7.06
CA ALA B 408 -17.89 2.86 5.62
C ALA B 408 -17.04 1.80 4.91
N LEU B 409 -15.84 1.52 5.44
CA LEU B 409 -14.97 0.55 4.79
C LEU B 409 -15.46 -0.87 5.01
N HIS B 410 -15.93 -1.19 6.23
CA HIS B 410 -16.44 -2.53 6.49
C HIS B 410 -17.72 -2.79 5.71
N GLU B 411 -18.63 -1.82 5.69
CA GLU B 411 -19.85 -1.96 4.91
C GLU B 411 -19.57 -2.11 3.42
N ALA B 412 -18.63 -1.31 2.89
CA ALA B 412 -18.32 -1.38 1.47
C ALA B 412 -17.56 -2.65 1.12
N THR B 413 -16.71 -3.14 2.03
CA THR B 413 -15.97 -4.38 1.76
C THR B 413 -16.89 -5.58 1.74
N LEU B 414 -17.80 -5.67 2.72
CA LEU B 414 -18.77 -6.76 2.75
C LEU B 414 -19.62 -6.79 1.50
N VAL B 415 -20.22 -5.65 1.14
CA VAL B 415 -21.15 -5.61 0.03
C VAL B 415 -20.45 -5.89 -1.29
N LEU B 416 -19.28 -5.29 -1.50
CA LEU B 416 -18.55 -5.53 -2.74
C LEU B 416 -18.10 -6.99 -2.84
N GLY B 417 -17.70 -7.58 -1.71
CA GLY B 417 -17.32 -8.99 -1.72
C GLY B 417 -18.49 -9.89 -2.07
N MET B 418 -19.66 -9.62 -1.51
CA MET B 418 -20.85 -10.39 -1.85
C MET B 418 -21.29 -10.13 -3.29
N MET B 419 -21.11 -8.90 -3.78
CA MET B 419 -21.45 -8.61 -5.16
C MET B 419 -20.57 -9.39 -6.12
N LEU B 420 -19.25 -9.42 -5.86
CA LEU B 420 -18.33 -10.14 -6.74
C LEU B 420 -18.49 -11.64 -6.61
N LYS B 421 -18.97 -12.12 -5.46
CA LYS B 421 -19.11 -13.56 -5.26
C LYS B 421 -20.32 -14.11 -6.03
N HIS B 422 -21.40 -13.36 -6.08
CA HIS B 422 -22.67 -13.89 -6.56
C HIS B 422 -22.99 -13.53 -8.01
N PHE B 423 -22.30 -12.57 -8.61
CA PHE B 423 -22.69 -12.08 -9.93
C PHE B 423 -21.47 -11.86 -10.82
N ASP B 424 -21.62 -12.23 -12.09
CA ASP B 424 -20.78 -11.69 -13.14
C ASP B 424 -21.37 -10.37 -13.62
N PHE B 425 -20.50 -9.41 -13.93
CA PHE B 425 -20.93 -8.06 -14.24
C PHE B 425 -20.50 -7.69 -15.65
N GLU B 426 -21.45 -7.12 -16.41
CA GLU B 426 -21.23 -6.76 -17.80
C GLU B 426 -21.53 -5.27 -17.98
N ASP B 427 -20.62 -4.58 -18.66
CA ASP B 427 -20.82 -3.16 -19.01
C ASP B 427 -21.51 -3.10 -20.38
N HIS B 428 -22.79 -3.44 -20.37
CA HIS B 428 -23.52 -3.69 -21.62
C HIS B 428 -23.71 -2.41 -22.44
N THR B 429 -23.71 -1.24 -21.79
CA THR B 429 -23.91 0.02 -22.49
C THR B 429 -22.59 0.72 -22.82
N ASN B 430 -21.45 0.15 -22.43
CA ASN B 430 -20.17 0.83 -22.51
C ASN B 430 -20.27 2.22 -21.88
N TYR B 431 -20.61 2.22 -20.59
CA TYR B 431 -20.93 3.45 -19.89
C TYR B 431 -19.80 4.46 -20.01
N GLU B 432 -20.16 5.67 -20.44
CA GLU B 432 -19.21 6.77 -20.51
C GLU B 432 -19.33 7.59 -19.22
N LEU B 433 -18.23 7.71 -18.49
CA LEU B 433 -18.27 8.26 -17.14
C LEU B 433 -18.78 9.69 -17.16
N ASP B 434 -19.83 9.94 -16.36
CA ASP B 434 -20.40 11.27 -16.19
C ASP B 434 -20.64 11.47 -14.70
N ILE B 435 -19.83 12.30 -14.06
CA ILE B 435 -19.83 12.44 -12.61
C ILE B 435 -20.79 13.56 -12.23
N LYS B 436 -21.90 13.19 -11.61
CA LYS B 436 -22.87 14.16 -11.11
C LYS B 436 -22.39 14.70 -9.77
N GLU B 437 -22.45 16.02 -9.59
CA GLU B 437 -21.92 16.68 -8.42
C GLU B 437 -23.05 17.31 -7.60
N THR B 438 -23.38 16.66 -6.49
CA THR B 438 -24.09 17.35 -5.41
C THR B 438 -23.04 17.91 -4.48
N LEU B 439 -23.22 17.75 -3.17
CA LEU B 439 -22.08 17.96 -2.29
C LEU B 439 -21.07 16.82 -2.39
N THR B 440 -21.42 15.74 -3.09
CA THR B 440 -20.52 14.61 -3.29
C THR B 440 -20.44 14.28 -4.77
N LEU B 441 -19.78 13.18 -5.10
CA LEU B 441 -19.59 12.75 -6.48
C LEU B 441 -20.26 11.41 -6.70
N LYS B 442 -20.89 11.24 -7.86
CA LYS B 442 -21.52 9.98 -8.22
C LYS B 442 -21.52 9.81 -9.73
N PRO B 443 -21.34 8.59 -10.23
CA PRO B 443 -21.42 8.34 -11.67
C PRO B 443 -22.90 8.28 -12.11
N GLU B 444 -23.34 9.34 -12.80
CA GLU B 444 -24.73 9.43 -13.19
C GLU B 444 -25.05 8.49 -14.34
N GLY B 445 -26.17 7.80 -14.23
CA GLY B 445 -26.62 6.92 -15.29
C GLY B 445 -25.80 5.65 -15.45
N PHE B 446 -25.00 5.29 -14.46
CA PHE B 446 -24.15 4.11 -14.55
C PHE B 446 -24.99 2.85 -14.34
N VAL B 447 -25.09 2.02 -15.37
CA VAL B 447 -25.89 0.80 -15.34
C VAL B 447 -25.04 -0.37 -15.79
N VAL B 448 -25.36 -1.56 -15.26
CA VAL B 448 -24.67 -2.80 -15.59
C VAL B 448 -25.69 -3.93 -15.65
N LYS B 449 -25.26 -5.05 -16.22
CA LYS B 449 -26.01 -6.30 -16.19
C LYS B 449 -25.30 -7.29 -15.29
N ALA B 450 -26.07 -8.05 -14.52
CA ALA B 450 -25.53 -9.02 -13.56
C ALA B 450 -26.08 -10.39 -13.86
N LYS B 451 -25.26 -11.26 -14.45
CA LYS B 451 -25.60 -12.66 -14.63
C LYS B 451 -25.30 -13.40 -13.33
N SER B 452 -26.33 -13.92 -12.68
CA SER B 452 -26.13 -14.57 -11.40
C SER B 452 -25.27 -15.82 -11.55
N LYS B 453 -24.50 -16.11 -10.50
CA LYS B 453 -23.71 -17.34 -10.44
C LYS B 453 -24.46 -18.49 -9.78
N LYS B 454 -25.71 -18.28 -9.39
CA LYS B 454 -26.58 -19.33 -8.85
C LYS B 454 -26.04 -19.91 -7.55
N ILE B 455 -25.37 -19.09 -6.75
CA ILE B 455 -24.86 -19.49 -5.44
C ILE B 455 -25.87 -19.06 -4.39
N PRO B 456 -26.41 -19.98 -3.58
CA PRO B 456 -27.49 -19.61 -2.67
C PRO B 456 -26.97 -18.87 -1.44
N LEU B 457 -27.90 -18.22 -0.75
CA LEU B 457 -27.59 -17.45 0.45
C LEU B 457 -27.94 -18.22 1.71
#